data_200D
# 
_entry.id   200D 
# 
_audit_conform.dict_name       mmcif_pdbx.dic 
_audit_conform.dict_version    5.387 
_audit_conform.dict_location   http://mmcif.pdb.org/dictionaries/ascii/mmcif_pdbx.dic 
# 
loop_
_database_2.database_id 
_database_2.database_code 
_database_2.pdbx_database_accession 
_database_2.pdbx_DOI 
PDB   200D         pdb_0000200d 10.2210/pdb200d/pdb 
RCSB  UDF027       ?            ?                   
WWPDB D_1000177549 ?            ?                   
# 
loop_
_pdbx_audit_revision_history.ordinal 
_pdbx_audit_revision_history.data_content_type 
_pdbx_audit_revision_history.major_revision 
_pdbx_audit_revision_history.minor_revision 
_pdbx_audit_revision_history.revision_date 
1 'Structure model' 1 0 1995-07-31 
2 'Structure model' 1 1 2008-05-22 
3 'Structure model' 1 2 2011-07-13 
4 'Structure model' 1 3 2024-02-14 
# 
_pdbx_audit_revision_details.ordinal             1 
_pdbx_audit_revision_details.revision_ordinal    1 
_pdbx_audit_revision_details.data_content_type   'Structure model' 
_pdbx_audit_revision_details.provider            repository 
_pdbx_audit_revision_details.type                'Initial release' 
_pdbx_audit_revision_details.description         ? 
_pdbx_audit_revision_details.details             ? 
# 
loop_
_pdbx_audit_revision_group.ordinal 
_pdbx_audit_revision_group.revision_ordinal 
_pdbx_audit_revision_group.data_content_type 
_pdbx_audit_revision_group.group 
1 2 'Structure model' 'Version format compliance' 
2 3 'Structure model' 'Version format compliance' 
3 4 'Structure model' 'Data collection'           
4 4 'Structure model' 'Database references'       
# 
loop_
_pdbx_audit_revision_category.ordinal 
_pdbx_audit_revision_category.revision_ordinal 
_pdbx_audit_revision_category.data_content_type 
_pdbx_audit_revision_category.category 
1 4 'Structure model' chem_comp_atom 
2 4 'Structure model' chem_comp_bond 
3 4 'Structure model' database_2     
# 
loop_
_pdbx_audit_revision_item.ordinal 
_pdbx_audit_revision_item.revision_ordinal 
_pdbx_audit_revision_item.data_content_type 
_pdbx_audit_revision_item.item 
1 4 'Structure model' '_database_2.pdbx_DOI'                
2 4 'Structure model' '_database_2.pdbx_database_accession' 
# 
_pdbx_database_status.status_code                     REL 
_pdbx_database_status.entry_id                        200D 
_pdbx_database_status.recvd_initial_deposition_date   1995-02-16 
_pdbx_database_status.deposit_site                    BNL 
_pdbx_database_status.process_site                    NDB 
_pdbx_database_status.SG_entry                        . 
_pdbx_database_status.pdb_format_compatible           Y 
_pdbx_database_status.status_code_mr                  ? 
_pdbx_database_status.status_code_sf                  ? 
_pdbx_database_status.status_code_cs                  ? 
_pdbx_database_status.status_code_nmr_data            ? 
_pdbx_database_status.methods_development_category    ? 
# 
loop_
_audit_author.name 
_audit_author.pdbx_ordinal 
'Kang, C.'     1 
'Berger, I.'   2 
'Lockshin, C.' 3 
'Ratliff, R.'  4 
'Moyzis, R.'   5 
'Rich, A.'     6 
# 
_citation.id                        primary 
_citation.title                     
'Stable loop in the crystal structure of the intercalated four-stranded cytosine-rich metazoan telomere.' 
_citation.journal_abbrev            Proc.Natl.Acad.Sci.USA 
_citation.journal_volume            92 
_citation.page_first                3874 
_citation.page_last                 3878 
_citation.year                      1995 
_citation.journal_id_ASTM           PNASA6 
_citation.country                   US 
_citation.journal_id_ISSN           0027-8424 
_citation.journal_id_CSD            0040 
_citation.book_publisher            ? 
_citation.pdbx_database_id_PubMed   7731999 
_citation.pdbx_database_id_DOI      10.1073/pnas.92.9.3874 
# 
loop_
_citation_author.citation_id 
_citation_author.name 
_citation_author.ordinal 
_citation_author.identifier_ORCID 
primary 'Kang, C.'     1 ? 
primary 'Berger, I.'   2 ? 
primary 'Lockshin, C.' 3 ? 
primary 'Ratliff, R.'  4 ? 
primary 'Moyzis, R.'   5 ? 
primary 'Rich, A.'     6 ? 
# 
loop_
_entity.id 
_entity.type 
_entity.src_method 
_entity.pdbx_description 
_entity.formula_weight 
_entity.pdbx_number_of_molecules 
_entity.pdbx_ec 
_entity.pdbx_mutation 
_entity.pdbx_fragment 
_entity.details 
1 polymer syn 
;DNA (5'-D(*TP*AP*AP*CP*CP*C)-3')
;
1753.194 2  ? ? ? ? 
2 water   nat water                              18.015   26 ? ? ? ? 
# 
_entity_poly.entity_id                      1 
_entity_poly.type                           polydeoxyribonucleotide 
_entity_poly.nstd_linkage                   no 
_entity_poly.nstd_monomer                   no 
_entity_poly.pdbx_seq_one_letter_code       '(DT)(DA)(DA)(DC)(DC)(DC)' 
_entity_poly.pdbx_seq_one_letter_code_can   TAACCC 
_entity_poly.pdbx_strand_id                 A,B 
_entity_poly.pdbx_target_identifier         ? 
# 
_pdbx_entity_nonpoly.entity_id   2 
_pdbx_entity_nonpoly.name        water 
_pdbx_entity_nonpoly.comp_id     HOH 
# 
loop_
_entity_poly_seq.entity_id 
_entity_poly_seq.num 
_entity_poly_seq.mon_id 
_entity_poly_seq.hetero 
1 1 DT n 
1 2 DA n 
1 3 DA n 
1 4 DC n 
1 5 DC n 
1 6 DC n 
# 
loop_
_chem_comp.id 
_chem_comp.type 
_chem_comp.mon_nstd_flag 
_chem_comp.name 
_chem_comp.pdbx_synonyms 
_chem_comp.formula 
_chem_comp.formula_weight 
DA  'DNA linking' y "2'-DEOXYADENOSINE-5'-MONOPHOSPHATE" ? 'C10 H14 N5 O6 P' 331.222 
DC  'DNA linking' y "2'-DEOXYCYTIDINE-5'-MONOPHOSPHATE"  ? 'C9 H14 N3 O7 P'  307.197 
DT  'DNA linking' y "THYMIDINE-5'-MONOPHOSPHATE"         ? 'C10 H15 N2 O8 P' 322.208 
HOH non-polymer   . WATER                                ? 'H2 O'            18.015  
# 
loop_
_pdbx_poly_seq_scheme.asym_id 
_pdbx_poly_seq_scheme.entity_id 
_pdbx_poly_seq_scheme.seq_id 
_pdbx_poly_seq_scheme.mon_id 
_pdbx_poly_seq_scheme.ndb_seq_num 
_pdbx_poly_seq_scheme.pdb_seq_num 
_pdbx_poly_seq_scheme.auth_seq_num 
_pdbx_poly_seq_scheme.pdb_mon_id 
_pdbx_poly_seq_scheme.auth_mon_id 
_pdbx_poly_seq_scheme.pdb_strand_id 
_pdbx_poly_seq_scheme.pdb_ins_code 
_pdbx_poly_seq_scheme.hetero 
A 1 1 DT 1 1  1  DT T A . n 
A 1 2 DA 2 2  2  DA A A . n 
A 1 3 DA 3 3  3  DA A A . n 
A 1 4 DC 4 4  4  DC C A . n 
A 1 5 DC 5 5  5  DC C A . n 
A 1 6 DC 6 6  6  DC C A . n 
B 1 1 DT 1 7  7  DT T B . n 
B 1 2 DA 2 8  8  DA A B . n 
B 1 3 DA 3 9  9  DA A B . n 
B 1 4 DC 4 10 10 DC C B . n 
B 1 5 DC 5 11 11 DC C B . n 
B 1 6 DC 6 12 12 DC C B . n 
# 
loop_
_pdbx_nonpoly_scheme.asym_id 
_pdbx_nonpoly_scheme.entity_id 
_pdbx_nonpoly_scheme.mon_id 
_pdbx_nonpoly_scheme.ndb_seq_num 
_pdbx_nonpoly_scheme.pdb_seq_num 
_pdbx_nonpoly_scheme.auth_seq_num 
_pdbx_nonpoly_scheme.pdb_mon_id 
_pdbx_nonpoly_scheme.auth_mon_id 
_pdbx_nonpoly_scheme.pdb_strand_id 
_pdbx_nonpoly_scheme.pdb_ins_code 
C 2 HOH 1  13 13 HOH HOH A . 
C 2 HOH 2  14 14 HOH HOH A . 
C 2 HOH 3  15 15 HOH HOH A . 
C 2 HOH 4  16 16 HOH HOH A . 
C 2 HOH 5  20 20 HOH HOH A . 
C 2 HOH 6  21 21 HOH HOH A . 
C 2 HOH 7  22 22 HOH HOH A . 
C 2 HOH 8  24 24 HOH HOH A . 
C 2 HOH 9  30 30 HOH HOH A . 
C 2 HOH 10 31 31 HOH HOH A . 
C 2 HOH 11 32 32 HOH HOH A . 
C 2 HOH 12 33 33 HOH HOH A . 
C 2 HOH 13 34 34 HOH HOH A . 
D 2 HOH 1  17 17 HOH HOH B . 
D 2 HOH 2  18 18 HOH HOH B . 
D 2 HOH 3  19 19 HOH HOH B . 
D 2 HOH 4  23 23 HOH HOH B . 
D 2 HOH 5  25 25 HOH HOH B . 
D 2 HOH 6  26 26 HOH HOH B . 
D 2 HOH 7  27 27 HOH HOH B . 
D 2 HOH 8  28 28 HOH HOH B . 
D 2 HOH 9  29 29 HOH HOH B . 
D 2 HOH 10 35 35 HOH HOH B . 
D 2 HOH 11 36 36 HOH HOH B . 
D 2 HOH 12 37 37 HOH HOH B . 
D 2 HOH 13 38 38 HOH HOH B . 
# 
loop_
_software.name 
_software.classification 
_software.version 
_software.citation_id 
_software.pdbx_ordinal 
X-PLOR refinement       . ? 1 
MSC    'data reduction' . ? 2 
# 
_cell.entry_id           200D 
_cell.length_a           59.940 
_cell.length_b           81.330 
_cell.length_c           26.860 
_cell.angle_alpha        90.00 
_cell.angle_beta         90.00 
_cell.angle_gamma        90.00 
_cell.Z_PDB              32 
_cell.pdbx_unique_axis   ? 
# 
_symmetry.entry_id                         200D 
_symmetry.space_group_name_H-M             'F 2 2 2' 
_symmetry.pdbx_full_space_group_name_H-M   ? 
_symmetry.cell_setting                     ? 
_symmetry.Int_Tables_number                22 
# 
_exptl.entry_id          200D 
_exptl.method            'X-RAY DIFFRACTION' 
_exptl.crystals_number   ? 
# 
_exptl_crystal.id                    1 
_exptl_crystal.density_meas          ? 
_exptl_crystal.density_Matthews      2.33 
_exptl_crystal.density_percent_sol   47.30 
_exptl_crystal.description           ? 
# 
_exptl_crystal_grow.crystal_id      1 
_exptl_crystal_grow.method          'VAPOR DIFFUSION' 
_exptl_crystal_grow.temp            ? 
_exptl_crystal_grow.temp_details    ? 
_exptl_crystal_grow.pH              6.00 
_exptl_crystal_grow.pdbx_details    'pH 6.00, VAPOR DIFFUSION' 
_exptl_crystal_grow.pdbx_pH_range   ? 
# 
loop_
_exptl_crystal_grow_comp.crystal_id 
_exptl_crystal_grow_comp.id 
_exptl_crystal_grow_comp.sol_id 
_exptl_crystal_grow_comp.name 
_exptl_crystal_grow_comp.volume 
_exptl_crystal_grow_comp.conc 
_exptl_crystal_grow_comp.details 
1 1 1 WATER          ? ? ? 
1 2 1 MPD            ? ? ? 
1 3 1 MGCL2          ? ? ? 
1 4 1 SPERMINE       ? ? ? 
1 5 1 KCL            ? ? ? 
1 6 1 'K CACODYLATE' ? ? ? 
1 7 2 WATER          ? ? ? 
1 8 2 MPD            ? ? ? 
# 
_diffrn.id                     1 
_diffrn.ambient_temp           277.00 
_diffrn.ambient_temp_details   ? 
_diffrn.crystal_id             1 
# 
_diffrn_detector.diffrn_id              1 
_diffrn_detector.detector               'IMAGE PLATE' 
_diffrn_detector.type                   'RIGAKU RAXIS IIC' 
_diffrn_detector.pdbx_collection_date   1994-07-20 
_diffrn_detector.details                ? 
# 
_diffrn_radiation.diffrn_id                        1 
_diffrn_radiation.wavelength_id                    1 
_diffrn_radiation.pdbx_monochromatic_or_laue_m_l   M 
_diffrn_radiation.monochromator                    ? 
_diffrn_radiation.pdbx_diffrn_protocol             ? 
_diffrn_radiation.pdbx_scattering_type             x-ray 
# 
_diffrn_radiation_wavelength.id           1 
_diffrn_radiation_wavelength.wavelength   . 
_diffrn_radiation_wavelength.wt           1.0 
# 
_diffrn_source.diffrn_id                   1 
_diffrn_source.source                      'ROTATING ANODE' 
_diffrn_source.type                        ? 
_diffrn_source.pdbx_synchrotron_site       ? 
_diffrn_source.pdbx_synchrotron_beamline   ? 
_diffrn_source.pdbx_wavelength             ? 
_diffrn_source.pdbx_wavelength_list        ? 
# 
_reflns.entry_id                     200D 
_reflns.observed_criterion_sigma_I   ? 
_reflns.observed_criterion_sigma_F   ? 
_reflns.d_resolution_low             ? 
_reflns.d_resolution_high            ? 
_reflns.number_obs                   ? 
_reflns.number_all                   ? 
_reflns.percent_possible_obs         ? 
_reflns.pdbx_Rmerge_I_obs            0.0450000 
_reflns.pdbx_Rsym_value              ? 
_reflns.pdbx_netI_over_sigmaI        ? 
_reflns.B_iso_Wilson_estimate        ? 
_reflns.pdbx_redundancy              ? 
_reflns.pdbx_diffrn_id               1 
_reflns.pdbx_ordinal                 1 
# 
_refine.entry_id                                 200D 
_refine.ls_number_reflns_obs                     2122 
_refine.ls_number_reflns_all                     ? 
_refine.pdbx_ls_sigma_I                          ? 
_refine.pdbx_ls_sigma_F                          1.000 
_refine.pdbx_data_cutoff_high_absF               ? 
_refine.pdbx_data_cutoff_low_absF                ? 
_refine.pdbx_data_cutoff_high_rms_absF           ? 
_refine.ls_d_res_low                             12.000 
_refine.ls_d_res_high                            1.850 
_refine.ls_percent_reflns_obs                    77.000 
_refine.ls_R_factor_obs                          0.1900000 
_refine.ls_R_factor_all                          ? 
_refine.ls_R_factor_R_work                       0.1900000 
_refine.ls_R_factor_R_free                       0.2230000 
_refine.ls_R_factor_R_free_error                 ? 
_refine.ls_R_factor_R_free_error_details         ? 
_refine.ls_percent_reflns_R_free                 ? 
_refine.ls_number_reflns_R_free                  ? 
_refine.ls_number_parameters                     ? 
_refine.ls_number_restraints                     ? 
_refine.occupancy_min                            ? 
_refine.occupancy_max                            ? 
_refine.B_iso_mean                               ? 
_refine.aniso_B[1][1]                            ? 
_refine.aniso_B[2][2]                            ? 
_refine.aniso_B[3][3]                            ? 
_refine.aniso_B[1][2]                            ? 
_refine.aniso_B[1][3]                            ? 
_refine.aniso_B[2][3]                            ? 
_refine.solvent_model_details                    ? 
_refine.solvent_model_param_ksol                 ? 
_refine.solvent_model_param_bsol                 ? 
_refine.pdbx_ls_cross_valid_method               ? 
_refine.details                                  ? 
_refine.pdbx_starting_model                      ? 
_refine.pdbx_method_to_determine_struct          ? 
_refine.pdbx_isotropic_thermal_model             ? 
_refine.pdbx_stereochemistry_target_values       ? 
_refine.pdbx_stereochem_target_val_spec_case     ? 
_refine.pdbx_R_Free_selection_details            ? 
_refine.pdbx_overall_ESU_R                       ? 
_refine.pdbx_overall_ESU_R_Free                  ? 
_refine.overall_SU_ML                            ? 
_refine.overall_SU_B                             ? 
_refine.pdbx_refine_id                           'X-RAY DIFFRACTION' 
_refine.pdbx_diffrn_id                           1 
_refine.pdbx_TLS_residual_ADP_flag               ? 
_refine.correlation_coeff_Fo_to_Fc               ? 
_refine.correlation_coeff_Fo_to_Fc_free          ? 
_refine.pdbx_solvent_vdw_probe_radii             ? 
_refine.pdbx_solvent_ion_probe_radii             ? 
_refine.pdbx_solvent_shrinkage_radii             ? 
_refine.pdbx_overall_phase_error                 ? 
_refine.overall_SU_R_Cruickshank_DPI             ? 
_refine.pdbx_overall_SU_R_free_Cruickshank_DPI   ? 
_refine.pdbx_overall_SU_R_Blow_DPI               ? 
_refine.pdbx_overall_SU_R_free_Blow_DPI          ? 
# 
_refine_hist.pdbx_refine_id                   'X-RAY DIFFRACTION' 
_refine_hist.cycle_id                         LAST 
_refine_hist.pdbx_number_atoms_protein        0 
_refine_hist.pdbx_number_atoms_nucleic_acid   258 
_refine_hist.pdbx_number_atoms_ligand         0 
_refine_hist.number_atoms_solvent             26 
_refine_hist.number_atoms_total               284 
_refine_hist.d_res_high                       1.850 
_refine_hist.d_res_low                        12.000 
# 
loop_
_refine_ls_restr.type 
_refine_ls_restr.dev_ideal 
_refine_ls_restr.dev_ideal_target 
_refine_ls_restr.weight 
_refine_ls_restr.number 
_refine_ls_restr.pdbx_refine_id 
_refine_ls_restr.pdbx_restraint_function 
x_bond_d                0.030 ? ? ? 'X-RAY DIFFRACTION' ? 
x_bond_d_na             ?     ? ? ? 'X-RAY DIFFRACTION' ? 
x_bond_d_prot           ?     ? ? ? 'X-RAY DIFFRACTION' ? 
x_angle_d               ?     ? ? ? 'X-RAY DIFFRACTION' ? 
x_angle_d_na            ?     ? ? ? 'X-RAY DIFFRACTION' ? 
x_angle_d_prot          ?     ? ? ? 'X-RAY DIFFRACTION' ? 
x_angle_deg             4.00  ? ? ? 'X-RAY DIFFRACTION' ? 
x_angle_deg_na          ?     ? ? ? 'X-RAY DIFFRACTION' ? 
x_angle_deg_prot        ?     ? ? ? 'X-RAY DIFFRACTION' ? 
x_dihedral_angle_d      ?     ? ? ? 'X-RAY DIFFRACTION' ? 
x_dihedral_angle_d_na   ?     ? ? ? 'X-RAY DIFFRACTION' ? 
x_dihedral_angle_d_prot ?     ? ? ? 'X-RAY DIFFRACTION' ? 
x_improper_angle_d      ?     ? ? ? 'X-RAY DIFFRACTION' ? 
x_improper_angle_d_na   ?     ? ? ? 'X-RAY DIFFRACTION' ? 
x_improper_angle_d_prot ?     ? ? ? 'X-RAY DIFFRACTION' ? 
x_mcbond_it             ?     ? ? ? 'X-RAY DIFFRACTION' ? 
x_mcangle_it            ?     ? ? ? 'X-RAY DIFFRACTION' ? 
x_scbond_it             ?     ? ? ? 'X-RAY DIFFRACTION' ? 
x_scangle_it            ?     ? ? ? 'X-RAY DIFFRACTION' ? 
# 
_struct.entry_id                  200D 
_struct.title                     
'STABLE LOOP IN THE CRYSTAL STRUCTURE OF THE INTERCALATED FOUR-STRANDED CYTOSINE-RICH METAZOAN TELOMERE' 
_struct.pdbx_model_details        ? 
_struct.pdbx_CASP_flag            ? 
_struct.pdbx_model_type_details   ? 
# 
_struct_keywords.entry_id        200D 
_struct_keywords.pdbx_keywords   DNA 
_struct_keywords.text            'U-DNA, QUADRUPLE HELIX, TETRAPLEX, BASE INTERCALATED, LOOP, DNA' 
# 
loop_
_struct_asym.id 
_struct_asym.pdbx_blank_PDB_chainid_flag 
_struct_asym.pdbx_modified 
_struct_asym.entity_id 
_struct_asym.details 
A N N 1 ? 
B N N 1 ? 
C N N 2 ? 
D N N 2 ? 
# 
_struct_ref.id                         1 
_struct_ref.entity_id                  1 
_struct_ref.db_name                    PDB 
_struct_ref.db_code                    200D 
_struct_ref.pdbx_db_accession          200D 
_struct_ref.pdbx_db_isoform            ? 
_struct_ref.pdbx_seq_one_letter_code   ? 
_struct_ref.pdbx_align_begin           ? 
# 
loop_
_struct_ref_seq.align_id 
_struct_ref_seq.ref_id 
_struct_ref_seq.pdbx_PDB_id_code 
_struct_ref_seq.pdbx_strand_id 
_struct_ref_seq.seq_align_beg 
_struct_ref_seq.pdbx_seq_align_beg_ins_code 
_struct_ref_seq.seq_align_end 
_struct_ref_seq.pdbx_seq_align_end_ins_code 
_struct_ref_seq.pdbx_db_accession 
_struct_ref_seq.db_align_beg 
_struct_ref_seq.pdbx_db_align_beg_ins_code 
_struct_ref_seq.db_align_end 
_struct_ref_seq.pdbx_db_align_end_ins_code 
_struct_ref_seq.pdbx_auth_seq_align_beg 
_struct_ref_seq.pdbx_auth_seq_align_end 
1 1 200D A 1 ? 6 ? 200D 1 ? 6  ? 1 6  
2 1 200D B 1 ? 6 ? 200D 7 ? 12 ? 7 12 
# 
_pdbx_struct_assembly.id                   1 
_pdbx_struct_assembly.details              author_defined_assembly 
_pdbx_struct_assembly.method_details       ? 
_pdbx_struct_assembly.oligomeric_details   tetrameric 
_pdbx_struct_assembly.oligomeric_count     4 
# 
_pdbx_struct_assembly_gen.assembly_id       1 
_pdbx_struct_assembly_gen.oper_expression   1,2 
_pdbx_struct_assembly_gen.asym_id_list      A,B,C,D 
# 
loop_
_pdbx_struct_oper_list.id 
_pdbx_struct_oper_list.type 
_pdbx_struct_oper_list.name 
_pdbx_struct_oper_list.symmetry_operation 
_pdbx_struct_oper_list.matrix[1][1] 
_pdbx_struct_oper_list.matrix[1][2] 
_pdbx_struct_oper_list.matrix[1][3] 
_pdbx_struct_oper_list.vector[1] 
_pdbx_struct_oper_list.matrix[2][1] 
_pdbx_struct_oper_list.matrix[2][2] 
_pdbx_struct_oper_list.matrix[2][3] 
_pdbx_struct_oper_list.vector[2] 
_pdbx_struct_oper_list.matrix[3][1] 
_pdbx_struct_oper_list.matrix[3][2] 
_pdbx_struct_oper_list.matrix[3][3] 
_pdbx_struct_oper_list.vector[3] 
1 'identity operation'         1_555 x,y,z       1.0000000000  0.0000000000 0.0000000000 0.0000000000  0.0000000000 1.0000000000  0.0000000000 0.0000000000  0.0000000000 0.0000000000 1.0000000000 0.0000000000 
2 'crystal symmetry operation' 3_656 -x+1,y,-z+1 -0.2517285471 0.0334688691 0.9672189894 -6.7143697146 0.0334688691 -0.9985029962 0.0432620083 11.7119529330 0.9672189894 0.0432620083 0.2502315433 4.7891795060 
# 
_struct_biol.id   1 
# 
loop_
_struct_conn.id 
_struct_conn.conn_type_id 
_struct_conn.pdbx_leaving_atom_flag 
_struct_conn.pdbx_PDB_id 
_struct_conn.ptnr1_label_asym_id 
_struct_conn.ptnr1_label_comp_id 
_struct_conn.ptnr1_label_seq_id 
_struct_conn.ptnr1_label_atom_id 
_struct_conn.pdbx_ptnr1_label_alt_id 
_struct_conn.pdbx_ptnr1_PDB_ins_code 
_struct_conn.pdbx_ptnr1_standard_comp_id 
_struct_conn.ptnr1_symmetry 
_struct_conn.ptnr2_label_asym_id 
_struct_conn.ptnr2_label_comp_id 
_struct_conn.ptnr2_label_seq_id 
_struct_conn.ptnr2_label_atom_id 
_struct_conn.pdbx_ptnr2_label_alt_id 
_struct_conn.pdbx_ptnr2_PDB_ins_code 
_struct_conn.ptnr1_auth_asym_id 
_struct_conn.ptnr1_auth_comp_id 
_struct_conn.ptnr1_auth_seq_id 
_struct_conn.ptnr2_auth_asym_id 
_struct_conn.ptnr2_auth_comp_id 
_struct_conn.ptnr2_auth_seq_id 
_struct_conn.ptnr2_symmetry 
_struct_conn.pdbx_ptnr3_label_atom_id 
_struct_conn.pdbx_ptnr3_label_seq_id 
_struct_conn.pdbx_ptnr3_label_comp_id 
_struct_conn.pdbx_ptnr3_label_asym_id 
_struct_conn.pdbx_ptnr3_label_alt_id 
_struct_conn.pdbx_ptnr3_PDB_ins_code 
_struct_conn.details 
_struct_conn.pdbx_dist_value 
_struct_conn.pdbx_value_order 
_struct_conn.pdbx_role 
hydrog1  hydrog ? ? A DT 1 N3 ? ? ? 1_555 A DA 3 N7 ? ? A DT 1 A DA 3  1_555 ? ? ? ? ? ? HOOGSTEEN               ? ? ? 
hydrog2  hydrog ? ? A DT 1 O4 ? ? ? 1_555 A DA 3 N6 ? ? A DT 1 A DA 3  1_555 ? ? ? ? ? ? HOOGSTEEN               ? ? ? 
hydrog3  hydrog ? ? A DA 2 N1 ? ? ? 1_555 B DT 1 N3 ? ? A DA 2 B DT 7  1_555 ? ? ? ? ? ? 'REVERSED WATSON-CRICK' ? ? ? 
hydrog4  hydrog ? ? A DA 2 N6 ? ? ? 1_555 B DT 1 O2 ? ? A DA 2 B DT 7  1_555 ? ? ? ? ? ? 'REVERSED WATSON-CRICK' ? ? ? 
hydrog5  hydrog ? ? A DC 4 N4 ? ? ? 1_555 B DC 4 O2 ? ? A DC 4 B DC 10 1_555 ? ? ? ? ? ? TYPE_15_PAIR            ? ? ? 
hydrog6  hydrog ? ? A DC 4 O2 ? ? ? 1_555 B DC 4 N4 ? ? A DC 4 B DC 10 1_555 ? ? ? ? ? ? TYPE_15_PAIR            ? ? ? 
hydrog7  hydrog ? ? A DC 5 N3 ? ? ? 1_555 B DC 5 N4 ? ? A DC 5 B DC 11 1_555 ? ? ? ? ? ? TYPE_14_PAIR            ? ? ? 
hydrog8  hydrog ? ? A DC 5 N4 ? ? ? 1_555 B DC 5 N3 ? ? A DC 5 B DC 11 1_555 ? ? ? ? ? ? TYPE_14_PAIR            ? ? ? 
hydrog9  hydrog ? ? A DC 6 N4 ? ? ? 1_555 B DC 6 O2 ? ? A DC 6 B DC 12 1_555 ? ? ? ? ? ? TYPE_15_PAIR            ? ? ? 
hydrog10 hydrog ? ? A DC 6 O2 ? ? ? 1_555 B DC 6 N4 ? ? A DC 6 B DC 12 1_555 ? ? ? ? ? ? TYPE_15_PAIR            ? ? ? 
# 
_struct_conn_type.id          hydrog 
_struct_conn_type.criteria    ? 
_struct_conn_type.reference   ? 
# 
loop_
_pdbx_validate_close_contact.id 
_pdbx_validate_close_contact.PDB_model_num 
_pdbx_validate_close_contact.auth_atom_id_1 
_pdbx_validate_close_contact.auth_asym_id_1 
_pdbx_validate_close_contact.auth_comp_id_1 
_pdbx_validate_close_contact.auth_seq_id_1 
_pdbx_validate_close_contact.PDB_ins_code_1 
_pdbx_validate_close_contact.label_alt_id_1 
_pdbx_validate_close_contact.auth_atom_id_2 
_pdbx_validate_close_contact.auth_asym_id_2 
_pdbx_validate_close_contact.auth_comp_id_2 
_pdbx_validate_close_contact.auth_seq_id_2 
_pdbx_validate_close_contact.PDB_ins_code_2 
_pdbx_validate_close_contact.label_alt_id_2 
_pdbx_validate_close_contact.dist 
1 1 N1  A DA 2 ? ? H3  B DT 7  ? ? 1.43 
2 1 OP2 B DA 9 ? ? H42 B DC 10 ? ? 1.54 
3 1 H42 A DC 6 ? ? O2  B DC 12 ? ? 1.55 
# 
loop_
_pdbx_validate_rmsd_bond.id 
_pdbx_validate_rmsd_bond.PDB_model_num 
_pdbx_validate_rmsd_bond.auth_atom_id_1 
_pdbx_validate_rmsd_bond.auth_asym_id_1 
_pdbx_validate_rmsd_bond.auth_comp_id_1 
_pdbx_validate_rmsd_bond.auth_seq_id_1 
_pdbx_validate_rmsd_bond.PDB_ins_code_1 
_pdbx_validate_rmsd_bond.label_alt_id_1 
_pdbx_validate_rmsd_bond.auth_atom_id_2 
_pdbx_validate_rmsd_bond.auth_asym_id_2 
_pdbx_validate_rmsd_bond.auth_comp_id_2 
_pdbx_validate_rmsd_bond.auth_seq_id_2 
_pdbx_validate_rmsd_bond.PDB_ins_code_2 
_pdbx_validate_rmsd_bond.label_alt_id_2 
_pdbx_validate_rmsd_bond.bond_value 
_pdbx_validate_rmsd_bond.bond_target_value 
_pdbx_validate_rmsd_bond.bond_deviation 
_pdbx_validate_rmsd_bond.bond_standard_deviation 
_pdbx_validate_rmsd_bond.linker_flag 
1  1 C5    A DT 1  ? ? C7    A DT 1  ? ? 1.534 1.496 0.038  0.006 N 
2  1 "O3'" A DT 1  ? ? P     A DA 2  ? ? 1.523 1.607 -0.084 0.012 Y 
3  1 "C4'" A DA 3  ? ? "C3'" A DA 3  ? ? 1.427 1.521 -0.094 0.010 N 
4  1 N9    A DA 3  ? ? C4    A DA 3  ? ? 1.332 1.374 -0.042 0.006 N 
5  1 N3    A DC 4  ? ? C4    A DC 4  ? ? 1.288 1.335 -0.047 0.007 N 
6  1 "C3'" A DC 5  ? ? "C2'" A DC 5  ? ? 1.461 1.516 -0.055 0.008 N 
7  1 "C5'" A DC 6  ? ? "C4'" A DC 6  ? ? 1.602 1.512 0.090  0.007 N 
8  1 "C3'" A DC 6  ? ? "C2'" A DC 6  ? ? 1.466 1.516 -0.050 0.008 N 
9  1 N3    A DC 6  ? ? C4    A DC 6  ? ? 1.283 1.335 -0.052 0.007 N 
10 1 "C5'" B DT 7  ? ? "C4'" B DT 7  ? ? 1.594 1.512 0.082  0.007 N 
11 1 C2    B DT 7  ? ? N3    B DT 7  ? ? 1.324 1.373 -0.049 0.008 N 
12 1 P     B DA 8  ? ? "O5'" B DA 8  ? ? 1.656 1.593 0.063  0.010 N 
13 1 "C4'" B DC 10 ? ? "C3'" B DC 10 ? ? 1.438 1.521 -0.083 0.010 N 
14 1 N1    B DC 10 ? ? C6    B DC 10 ? ? 1.304 1.367 -0.063 0.006 N 
15 1 C4    B DC 10 ? ? C5    B DC 10 ? ? 1.375 1.425 -0.050 0.008 N 
16 1 N1    B DC 11 ? ? C2    B DC 11 ? ? 1.303 1.397 -0.094 0.010 N 
17 1 N1    B DC 11 ? ? C6    B DC 11 ? ? 1.327 1.367 -0.040 0.006 N 
18 1 C2    B DC 11 ? ? N3    B DC 11 ? ? 1.297 1.353 -0.056 0.008 N 
19 1 "O4'" B DC 12 ? ? "C4'" B DC 12 ? ? 1.377 1.446 -0.069 0.010 N 
20 1 N1    B DC 12 ? ? C2    B DC 12 ? ? 1.335 1.397 -0.062 0.010 N 
# 
loop_
_pdbx_validate_rmsd_angle.id 
_pdbx_validate_rmsd_angle.PDB_model_num 
_pdbx_validate_rmsd_angle.auth_atom_id_1 
_pdbx_validate_rmsd_angle.auth_asym_id_1 
_pdbx_validate_rmsd_angle.auth_comp_id_1 
_pdbx_validate_rmsd_angle.auth_seq_id_1 
_pdbx_validate_rmsd_angle.PDB_ins_code_1 
_pdbx_validate_rmsd_angle.label_alt_id_1 
_pdbx_validate_rmsd_angle.auth_atom_id_2 
_pdbx_validate_rmsd_angle.auth_asym_id_2 
_pdbx_validate_rmsd_angle.auth_comp_id_2 
_pdbx_validate_rmsd_angle.auth_seq_id_2 
_pdbx_validate_rmsd_angle.PDB_ins_code_2 
_pdbx_validate_rmsd_angle.label_alt_id_2 
_pdbx_validate_rmsd_angle.auth_atom_id_3 
_pdbx_validate_rmsd_angle.auth_asym_id_3 
_pdbx_validate_rmsd_angle.auth_comp_id_3 
_pdbx_validate_rmsd_angle.auth_seq_id_3 
_pdbx_validate_rmsd_angle.PDB_ins_code_3 
_pdbx_validate_rmsd_angle.label_alt_id_3 
_pdbx_validate_rmsd_angle.angle_value 
_pdbx_validate_rmsd_angle.angle_target_value 
_pdbx_validate_rmsd_angle.angle_deviation 
_pdbx_validate_rmsd_angle.angle_standard_deviation 
_pdbx_validate_rmsd_angle.linker_flag 
1  1 "O4'" A DT 1  ? ? "C1'" A DT 1  ? ? N1    A DT 1  ? ? 111.22 108.30 2.92   0.30 N 
2  1 C6    A DT 1  ? ? C5    A DT 1  ? ? C7    A DT 1  ? ? 118.47 122.90 -4.43  0.60 N 
3  1 "C3'" A DT 1  ? ? "O3'" A DT 1  ? ? P     A DA 2  ? ? 134.55 119.70 14.85  1.20 Y 
4  1 "O3'" A DT 1  ? ? P     A DA 2  ? ? "O5'" A DA 2  ? ? 92.28  104.00 -11.72 1.90 Y 
5  1 "O4'" A DA 2  ? ? "C4'" A DA 2  ? ? "C3'" A DA 2  ? ? 110.33 106.00 4.33   0.60 N 
6  1 "C4'" A DA 2  ? ? "C3'" A DA 2  ? ? "C2'" A DA 2  ? ? 93.10  102.20 -9.10  0.70 N 
7  1 "O4'" A DA 2  ? ? "C1'" A DA 2  ? ? "C2'" A DA 2  ? ? 98.14  105.90 -7.76  0.80 N 
8  1 N1    A DA 2  ? ? C6    A DA 2  ? ? N6    A DA 2  ? ? 122.32 118.60 3.72   0.60 N 
9  1 "C3'" A DA 2  ? ? "O3'" A DA 2  ? ? P     A DA 3  ? ? 127.60 119.70 7.90   1.20 Y 
10 1 "O4'" A DA 3  ? ? "C4'" A DA 3  ? ? "C3'" A DA 3  ? ? 96.79  104.50 -7.71  0.40 N 
11 1 "C1'" A DA 3  ? ? "O4'" A DA 3  ? ? "C4'" A DA 3  ? ? 116.45 110.30 6.15   0.70 N 
12 1 "O4'" A DA 3  ? ? "C1'" A DA 3  ? ? "C2'" A DA 3  ? ? 99.07  105.90 -6.83  0.80 N 
13 1 N1    A DA 3  ? ? C2    A DA 3  ? ? N3    A DA 3  ? ? 132.41 129.30 3.11   0.50 N 
14 1 C2    A DA 3  ? ? N3    A DA 3  ? ? C4    A DA 3  ? ? 106.73 110.60 -3.87  0.50 N 
15 1 "C4'" A DC 4  ? ? "C3'" A DC 4  ? ? "C2'" A DC 4  ? ? 97.87  102.20 -4.33  0.70 N 
16 1 "C4'" A DC 5  ? ? "C3'" A DC 5  ? ? "C2'" A DC 5  ? ? 94.47  102.20 -7.73  0.70 N 
17 1 "O4'" A DC 5  ? ? "C1'" A DC 5  ? ? N1    A DC 5  ? ? 103.25 108.00 -4.75  0.70 N 
18 1 C2    A DC 5  ? ? N3    A DC 5  ? ? C4    A DC 5  ? ? 123.45 119.90 3.55   0.50 N 
19 1 P     A DC 6  ? ? "O5'" A DC 6  ? ? "C5'" A DC 6  ? ? 134.14 120.90 13.24  1.60 N 
20 1 "O4'" A DC 6  ? ? "C4'" A DC 6  ? ? "C3'" A DC 6  ? ? 100.12 104.50 -4.38  0.40 N 
21 1 "O4'" A DC 6  ? ? "C1'" A DC 6  ? ? N1    A DC 6  ? ? 112.24 108.30 3.94   0.30 N 
22 1 N1    A DC 6  ? ? C2    A DC 6  ? ? O2    A DC 6  ? ? 122.79 118.90 3.89   0.60 N 
23 1 N3    A DC 6  ? ? C4    A DC 6  ? ? N4    A DC 6  ? ? 113.04 118.00 -4.96  0.70 N 
24 1 C5    A DC 6  ? ? C4    A DC 6  ? ? N4    A DC 6  ? ? 124.42 120.20 4.22   0.70 N 
25 1 "C5'" B DT 7  ? ? "C4'" B DT 7  ? ? "O4'" B DT 7  ? ? 119.04 109.80 9.24   1.10 N 
26 1 N1    B DT 7  ? ? C2    B DT 7  ? ? O2    B DT 7  ? ? 128.37 123.10 5.27   0.80 N 
27 1 N3    B DT 7  ? ? C2    B DT 7  ? ? O2    B DT 7  ? ? 117.95 122.30 -4.35  0.60 N 
28 1 "C3'" B DT 7  ? ? "O3'" B DT 7  ? ? P     B DA 8  ? ? 108.76 119.70 -10.94 1.20 Y 
29 1 "O4'" B DA 8  ? ? "C1'" B DA 8  ? ? "C2'" B DA 8  ? ? 100.78 105.90 -5.12  0.80 N 
30 1 C2    B DA 8  ? ? N3    B DA 8  ? ? C4    B DA 8  ? ? 107.31 110.60 -3.29  0.50 N 
31 1 C5    B DA 8  ? ? C6    B DA 8  ? ? N1    B DA 8  ? ? 113.70 117.70 -4.00  0.50 N 
32 1 "O4'" B DA 9  ? ? "C1'" B DA 9  ? ? "C2'" B DA 9  ? ? 98.60  105.90 -7.30  0.80 N 
33 1 "C1'" B DC 10 ? ? "O4'" B DC 10 ? ? "C4'" B DC 10 ? ? 116.83 110.30 6.53   0.70 N 
34 1 "O4'" B DC 10 ? ? "C1'" B DC 10 ? ? "C2'" B DC 10 ? ? 95.64  105.90 -10.26 0.80 N 
35 1 "O4'" B DC 10 ? ? "C1'" B DC 10 ? ? N1    B DC 10 ? ? 111.86 108.30 3.56   0.30 N 
36 1 N3    B DC 10 ? ? C2    B DC 10 ? ? O2    B DC 10 ? ? 116.78 121.90 -5.12  0.70 N 
37 1 "C3'" B DC 10 ? ? "O3'" B DC 10 ? ? P     B DC 11 ? ? 128.94 119.70 9.24   1.20 Y 
38 1 "C3'" B DC 11 ? ? "O3'" B DC 11 ? ? P     B DC 12 ? ? 127.97 119.70 8.27   1.20 Y 
39 1 "O4'" B DC 12 ? ? "C1'" B DC 12 ? ? "C2'" B DC 12 ? ? 100.83 105.90 -5.07  0.80 N 
40 1 C2    B DC 12 ? ? N3    B DC 12 ? ? C4    B DC 12 ? ? 124.47 119.90 4.57   0.50 N 
41 1 N1    B DC 12 ? ? C2    B DC 12 ? ? O2    B DC 12 ? ? 123.48 118.90 4.58   0.60 N 
# 
_pdbx_validate_planes.id              1 
_pdbx_validate_planes.PDB_model_num   1 
_pdbx_validate_planes.auth_comp_id    DA 
_pdbx_validate_planes.auth_asym_id    A 
_pdbx_validate_planes.auth_seq_id     3 
_pdbx_validate_planes.PDB_ins_code    ? 
_pdbx_validate_planes.label_alt_id    ? 
_pdbx_validate_planes.rmsd            0.060 
_pdbx_validate_planes.type            'SIDE CHAIN' 
# 
loop_
_chem_comp_atom.comp_id 
_chem_comp_atom.atom_id 
_chem_comp_atom.type_symbol 
_chem_comp_atom.pdbx_aromatic_flag 
_chem_comp_atom.pdbx_stereo_config 
_chem_comp_atom.pdbx_ordinal 
DA  OP3    O N N 1   
DA  P      P N N 2   
DA  OP1    O N N 3   
DA  OP2    O N N 4   
DA  "O5'"  O N N 5   
DA  "C5'"  C N N 6   
DA  "C4'"  C N R 7   
DA  "O4'"  O N N 8   
DA  "C3'"  C N S 9   
DA  "O3'"  O N N 10  
DA  "C2'"  C N N 11  
DA  "C1'"  C N R 12  
DA  N9     N Y N 13  
DA  C8     C Y N 14  
DA  N7     N Y N 15  
DA  C5     C Y N 16  
DA  C6     C Y N 17  
DA  N6     N N N 18  
DA  N1     N Y N 19  
DA  C2     C Y N 20  
DA  N3     N Y N 21  
DA  C4     C Y N 22  
DA  HOP3   H N N 23  
DA  HOP2   H N N 24  
DA  "H5'"  H N N 25  
DA  "H5''" H N N 26  
DA  "H4'"  H N N 27  
DA  "H3'"  H N N 28  
DA  "HO3'" H N N 29  
DA  "H2'"  H N N 30  
DA  "H2''" H N N 31  
DA  "H1'"  H N N 32  
DA  H8     H N N 33  
DA  H61    H N N 34  
DA  H62    H N N 35  
DA  H2     H N N 36  
DC  OP3    O N N 37  
DC  P      P N N 38  
DC  OP1    O N N 39  
DC  OP2    O N N 40  
DC  "O5'"  O N N 41  
DC  "C5'"  C N N 42  
DC  "C4'"  C N R 43  
DC  "O4'"  O N N 44  
DC  "C3'"  C N S 45  
DC  "O3'"  O N N 46  
DC  "C2'"  C N N 47  
DC  "C1'"  C N R 48  
DC  N1     N N N 49  
DC  C2     C N N 50  
DC  O2     O N N 51  
DC  N3     N N N 52  
DC  C4     C N N 53  
DC  N4     N N N 54  
DC  C5     C N N 55  
DC  C6     C N N 56  
DC  HOP3   H N N 57  
DC  HOP2   H N N 58  
DC  "H5'"  H N N 59  
DC  "H5''" H N N 60  
DC  "H4'"  H N N 61  
DC  "H3'"  H N N 62  
DC  "HO3'" H N N 63  
DC  "H2'"  H N N 64  
DC  "H2''" H N N 65  
DC  "H1'"  H N N 66  
DC  H41    H N N 67  
DC  H42    H N N 68  
DC  H5     H N N 69  
DC  H6     H N N 70  
DT  OP3    O N N 71  
DT  P      P N N 72  
DT  OP1    O N N 73  
DT  OP2    O N N 74  
DT  "O5'"  O N N 75  
DT  "C5'"  C N N 76  
DT  "C4'"  C N R 77  
DT  "O4'"  O N N 78  
DT  "C3'"  C N S 79  
DT  "O3'"  O N N 80  
DT  "C2'"  C N N 81  
DT  "C1'"  C N R 82  
DT  N1     N N N 83  
DT  C2     C N N 84  
DT  O2     O N N 85  
DT  N3     N N N 86  
DT  C4     C N N 87  
DT  O4     O N N 88  
DT  C5     C N N 89  
DT  C7     C N N 90  
DT  C6     C N N 91  
DT  HOP3   H N N 92  
DT  HOP2   H N N 93  
DT  "H5'"  H N N 94  
DT  "H5''" H N N 95  
DT  "H4'"  H N N 96  
DT  "H3'"  H N N 97  
DT  "HO3'" H N N 98  
DT  "H2'"  H N N 99  
DT  "H2''" H N N 100 
DT  "H1'"  H N N 101 
DT  H3     H N N 102 
DT  H71    H N N 103 
DT  H72    H N N 104 
DT  H73    H N N 105 
DT  H6     H N N 106 
HOH O      O N N 107 
HOH H1     H N N 108 
HOH H2     H N N 109 
# 
loop_
_chem_comp_bond.comp_id 
_chem_comp_bond.atom_id_1 
_chem_comp_bond.atom_id_2 
_chem_comp_bond.value_order 
_chem_comp_bond.pdbx_aromatic_flag 
_chem_comp_bond.pdbx_stereo_config 
_chem_comp_bond.pdbx_ordinal 
DA  OP3   P      sing N N 1   
DA  OP3   HOP3   sing N N 2   
DA  P     OP1    doub N N 3   
DA  P     OP2    sing N N 4   
DA  P     "O5'"  sing N N 5   
DA  OP2   HOP2   sing N N 6   
DA  "O5'" "C5'"  sing N N 7   
DA  "C5'" "C4'"  sing N N 8   
DA  "C5'" "H5'"  sing N N 9   
DA  "C5'" "H5''" sing N N 10  
DA  "C4'" "O4'"  sing N N 11  
DA  "C4'" "C3'"  sing N N 12  
DA  "C4'" "H4'"  sing N N 13  
DA  "O4'" "C1'"  sing N N 14  
DA  "C3'" "O3'"  sing N N 15  
DA  "C3'" "C2'"  sing N N 16  
DA  "C3'" "H3'"  sing N N 17  
DA  "O3'" "HO3'" sing N N 18  
DA  "C2'" "C1'"  sing N N 19  
DA  "C2'" "H2'"  sing N N 20  
DA  "C2'" "H2''" sing N N 21  
DA  "C1'" N9     sing N N 22  
DA  "C1'" "H1'"  sing N N 23  
DA  N9    C8     sing Y N 24  
DA  N9    C4     sing Y N 25  
DA  C8    N7     doub Y N 26  
DA  C8    H8     sing N N 27  
DA  N7    C5     sing Y N 28  
DA  C5    C6     sing Y N 29  
DA  C5    C4     doub Y N 30  
DA  C6    N6     sing N N 31  
DA  C6    N1     doub Y N 32  
DA  N6    H61    sing N N 33  
DA  N6    H62    sing N N 34  
DA  N1    C2     sing Y N 35  
DA  C2    N3     doub Y N 36  
DA  C2    H2     sing N N 37  
DA  N3    C4     sing Y N 38  
DC  OP3   P      sing N N 39  
DC  OP3   HOP3   sing N N 40  
DC  P     OP1    doub N N 41  
DC  P     OP2    sing N N 42  
DC  P     "O5'"  sing N N 43  
DC  OP2   HOP2   sing N N 44  
DC  "O5'" "C5'"  sing N N 45  
DC  "C5'" "C4'"  sing N N 46  
DC  "C5'" "H5'"  sing N N 47  
DC  "C5'" "H5''" sing N N 48  
DC  "C4'" "O4'"  sing N N 49  
DC  "C4'" "C3'"  sing N N 50  
DC  "C4'" "H4'"  sing N N 51  
DC  "O4'" "C1'"  sing N N 52  
DC  "C3'" "O3'"  sing N N 53  
DC  "C3'" "C2'"  sing N N 54  
DC  "C3'" "H3'"  sing N N 55  
DC  "O3'" "HO3'" sing N N 56  
DC  "C2'" "C1'"  sing N N 57  
DC  "C2'" "H2'"  sing N N 58  
DC  "C2'" "H2''" sing N N 59  
DC  "C1'" N1     sing N N 60  
DC  "C1'" "H1'"  sing N N 61  
DC  N1    C2     sing N N 62  
DC  N1    C6     sing N N 63  
DC  C2    O2     doub N N 64  
DC  C2    N3     sing N N 65  
DC  N3    C4     doub N N 66  
DC  C4    N4     sing N N 67  
DC  C4    C5     sing N N 68  
DC  N4    H41    sing N N 69  
DC  N4    H42    sing N N 70  
DC  C5    C6     doub N N 71  
DC  C5    H5     sing N N 72  
DC  C6    H6     sing N N 73  
DT  OP3   P      sing N N 74  
DT  OP3   HOP3   sing N N 75  
DT  P     OP1    doub N N 76  
DT  P     OP2    sing N N 77  
DT  P     "O5'"  sing N N 78  
DT  OP2   HOP2   sing N N 79  
DT  "O5'" "C5'"  sing N N 80  
DT  "C5'" "C4'"  sing N N 81  
DT  "C5'" "H5'"  sing N N 82  
DT  "C5'" "H5''" sing N N 83  
DT  "C4'" "O4'"  sing N N 84  
DT  "C4'" "C3'"  sing N N 85  
DT  "C4'" "H4'"  sing N N 86  
DT  "O4'" "C1'"  sing N N 87  
DT  "C3'" "O3'"  sing N N 88  
DT  "C3'" "C2'"  sing N N 89  
DT  "C3'" "H3'"  sing N N 90  
DT  "O3'" "HO3'" sing N N 91  
DT  "C2'" "C1'"  sing N N 92  
DT  "C2'" "H2'"  sing N N 93  
DT  "C2'" "H2''" sing N N 94  
DT  "C1'" N1     sing N N 95  
DT  "C1'" "H1'"  sing N N 96  
DT  N1    C2     sing N N 97  
DT  N1    C6     sing N N 98  
DT  C2    O2     doub N N 99  
DT  C2    N3     sing N N 100 
DT  N3    C4     sing N N 101 
DT  N3    H3     sing N N 102 
DT  C4    O4     doub N N 103 
DT  C4    C5     sing N N 104 
DT  C5    C7     sing N N 105 
DT  C5    C6     doub N N 106 
DT  C7    H71    sing N N 107 
DT  C7    H72    sing N N 108 
DT  C7    H73    sing N N 109 
DT  C6    H6     sing N N 110 
HOH O     H1     sing N N 111 
HOH O     H2     sing N N 112 
# 
loop_
_ndb_struct_conf_na.entry_id 
_ndb_struct_conf_na.feature 
200D 'double helix'         
200D 'parallel strands'     
200D 'mismatched base pair' 
# 
loop_
_ndb_struct_na_base_pair.model_number 
_ndb_struct_na_base_pair.i_label_asym_id 
_ndb_struct_na_base_pair.i_label_comp_id 
_ndb_struct_na_base_pair.i_label_seq_id 
_ndb_struct_na_base_pair.i_symmetry 
_ndb_struct_na_base_pair.j_label_asym_id 
_ndb_struct_na_base_pair.j_label_comp_id 
_ndb_struct_na_base_pair.j_label_seq_id 
_ndb_struct_na_base_pair.j_symmetry 
_ndb_struct_na_base_pair.shear 
_ndb_struct_na_base_pair.stretch 
_ndb_struct_na_base_pair.stagger 
_ndb_struct_na_base_pair.buckle 
_ndb_struct_na_base_pair.propeller 
_ndb_struct_na_base_pair.opening 
_ndb_struct_na_base_pair.pair_number 
_ndb_struct_na_base_pair.pair_name 
_ndb_struct_na_base_pair.i_auth_asym_id 
_ndb_struct_na_base_pair.i_auth_seq_id 
_ndb_struct_na_base_pair.i_PDB_ins_code 
_ndb_struct_na_base_pair.j_auth_asym_id 
_ndb_struct_na_base_pair.j_auth_seq_id 
_ndb_struct_na_base_pair.j_PDB_ins_code 
_ndb_struct_na_base_pair.hbond_type_28 
_ndb_struct_na_base_pair.hbond_type_12 
1 A DA 2 1_555 B DT 1 1_555 0.647  1.405  -0.075 -6.037 5.429   179.470  1 A_DA2:DT7_B  A 2  ? B 7 ? 21 2 
1 A DA 3 1_555 A DT 1 1_555 0.729  -3.378 0.063  -3.994 -10.325 75.312   2 A_DA3:DT1_A  A 3  ? A 1 ? 23 3 
1 B DC 4 1_555 A DC 4 1_555 -2.120 -1.357 0.246  6.251  -10.196 -177.674 3 B_DC10:DC4_A B 10 ? A 4 ? 15 2 
1 B DC 5 1_555 A DC 5 1_555 -2.098 -1.041 0.013  7.603  -6.173  -178.785 4 B_DC11:DC5_A B 11 ? A 5 ? 14 2 
1 B DC 6 1_555 A DC 6 1_555 -2.096 -1.232 0.286  -0.592 4.252   -179.470 5 B_DC12:DC6_A B 12 ? A 6 ? 15 2 
# 
loop_
_ndb_struct_na_base_pair_step.model_number 
_ndb_struct_na_base_pair_step.i_label_asym_id_1 
_ndb_struct_na_base_pair_step.i_label_comp_id_1 
_ndb_struct_na_base_pair_step.i_label_seq_id_1 
_ndb_struct_na_base_pair_step.i_symmetry_1 
_ndb_struct_na_base_pair_step.j_label_asym_id_1 
_ndb_struct_na_base_pair_step.j_label_comp_id_1 
_ndb_struct_na_base_pair_step.j_label_seq_id_1 
_ndb_struct_na_base_pair_step.j_symmetry_1 
_ndb_struct_na_base_pair_step.i_label_asym_id_2 
_ndb_struct_na_base_pair_step.i_label_comp_id_2 
_ndb_struct_na_base_pair_step.i_label_seq_id_2 
_ndb_struct_na_base_pair_step.i_symmetry_2 
_ndb_struct_na_base_pair_step.j_label_asym_id_2 
_ndb_struct_na_base_pair_step.j_label_comp_id_2 
_ndb_struct_na_base_pair_step.j_label_seq_id_2 
_ndb_struct_na_base_pair_step.j_symmetry_2 
_ndb_struct_na_base_pair_step.shift 
_ndb_struct_na_base_pair_step.slide 
_ndb_struct_na_base_pair_step.rise 
_ndb_struct_na_base_pair_step.tilt 
_ndb_struct_na_base_pair_step.roll 
_ndb_struct_na_base_pair_step.twist 
_ndb_struct_na_base_pair_step.x_displacement 
_ndb_struct_na_base_pair_step.y_displacement 
_ndb_struct_na_base_pair_step.helical_rise 
_ndb_struct_na_base_pair_step.inclination 
_ndb_struct_na_base_pair_step.tip 
_ndb_struct_na_base_pair_step.helical_twist 
_ndb_struct_na_base_pair_step.step_number 
_ndb_struct_na_base_pair_step.step_name 
_ndb_struct_na_base_pair_step.i_auth_asym_id_1 
_ndb_struct_na_base_pair_step.i_auth_seq_id_1 
_ndb_struct_na_base_pair_step.i_PDB_ins_code_1 
_ndb_struct_na_base_pair_step.j_auth_asym_id_1 
_ndb_struct_na_base_pair_step.j_auth_seq_id_1 
_ndb_struct_na_base_pair_step.j_PDB_ins_code_1 
_ndb_struct_na_base_pair_step.i_auth_asym_id_2 
_ndb_struct_na_base_pair_step.i_auth_seq_id_2 
_ndb_struct_na_base_pair_step.i_PDB_ins_code_2 
_ndb_struct_na_base_pair_step.j_auth_asym_id_2 
_ndb_struct_na_base_pair_step.j_auth_seq_id_2 
_ndb_struct_na_base_pair_step.j_PDB_ins_code_2 
1 A DA 2 1_555 B DT 1 1_555 A DA 3 1_555 A DT 1 1_555 1.828  -1.547 3.651 -3.211 -2.169 73.231 -1.218 -1.645 3.617 -1.817 2.690 
73.319 1 AA_DA2DA3:DT1DT7_AB   A 2  ? B 7 ? A 3  ? A 1 ? 
1 A DA 3 1_555 A DT 1 1_555 B DC 4 1_555 A DC 4 1_555 1.025  2.083  2.934 -0.143 2.764  26.223 3.880  -2.283 3.127 6.070  0.313 
26.366 2 AB_DA3DC10:DC4DT1_AA  A 3  ? A 1 ? B 10 ? A 4 ? 
1 B DC 4 1_555 A DC 4 1_555 B DC 5 1_555 A DC 5 1_555 0.238  -0.332 6.550 -2.006 -2.965 17.552 2.398  -3.108 6.448 -9.586 6.487 
17.910 3 BB_DC10DC11:DC5DC4_AA B 10 ? A 4 ? B 11 ? A 5 ? 
1 B DC 5 1_555 A DC 5 1_555 B DC 6 1_555 A DC 6 1_555 -0.150 0.270  6.758 -1.782 -1.225 19.616 2.001  -1.324 6.715 -3.583 5.209 
19.733 4 BB_DC11DC12:DC6DC5_AA B 11 ? A 5 ? B 12 ? A 6 ? 
# 
_atom_sites.entry_id                    200D 
_atom_sites.fract_transf_matrix[1][1]   -0.01143312 
_atom_sites.fract_transf_matrix[1][2]   0.00863529 
_atom_sites.fract_transf_matrix[1][3]   0.00854622 
_atom_sites.fract_transf_matrix[2][1]   -0.00752105 
_atom_sites.fract_transf_matrix[2][2]   -0.00033640 
_atom_sites.fract_transf_matrix[2][3]   -0.00972174 
_atom_sites.fract_transf_matrix[3][1]   -0.01471440 
_atom_sites.fract_transf_matrix[3][2]   -0.03183832 
_atom_sites.fract_transf_matrix[3][3]   0.01248523 
_atom_sites.fract_transf_vector[1]      0.390574 
_atom_sites.fract_transf_vector[2]      0.366630 
_atom_sites.fract_transf_vector[3]      0.607147 
# 
loop_
_atom_type.symbol 
C 
H 
N 
O 
P 
# 
loop_
_atom_site.group_PDB 
_atom_site.id 
_atom_site.type_symbol 
_atom_site.label_atom_id 
_atom_site.label_alt_id 
_atom_site.label_comp_id 
_atom_site.label_asym_id 
_atom_site.label_entity_id 
_atom_site.label_seq_id 
_atom_site.pdbx_PDB_ins_code 
_atom_site.Cartn_x 
_atom_site.Cartn_y 
_atom_site.Cartn_z 
_atom_site.occupancy 
_atom_site.B_iso_or_equiv 
_atom_site.pdbx_formal_charge 
_atom_site.auth_seq_id 
_atom_site.auth_comp_id 
_atom_site.auth_asym_id 
_atom_site.auth_atom_id 
_atom_site.pdbx_PDB_model_num 
ATOM   1   O "O5'"  . DT  A 1 1 ? -4.924  -6.401  2.131   1.00 30.44 ? 1  DT  A "O5'"  1 
ATOM   2   C "C5'"  . DT  A 1 1 ? -4.327  -7.459  2.783   1.00 20.89 ? 1  DT  A "C5'"  1 
ATOM   3   C "C4'"  . DT  A 1 1 ? -2.850  -7.221  3.101   1.00 27.77 ? 1  DT  A "C4'"  1 
ATOM   4   O "O4'"  . DT  A 1 1 ? -2.069  -7.055  1.947   1.00 23.30 ? 1  DT  A "O4'"  1 
ATOM   5   C "C3'"  . DT  A 1 1 ? -2.659  -6.028  3.989   1.00 35.38 ? 1  DT  A "C3'"  1 
ATOM   6   O "O3'"  . DT  A 1 1 ? -1.916  -6.564  5.033   1.00 33.40 ? 1  DT  A "O3'"  1 
ATOM   7   C "C2'"  . DT  A 1 1 ? -1.779  -5.202  3.109   1.00 34.88 ? 1  DT  A "C2'"  1 
ATOM   8   C "C1'"  . DT  A 1 1 ? -1.066  -6.207  2.294   1.00 18.33 ? 1  DT  A "C1'"  1 
ATOM   9   N N1     . DT  A 1 1 ? -0.470  -5.590  1.121   1.00 27.22 ? 1  DT  A N1     1 
ATOM   10  C C2     . DT  A 1 1 ? 0.690   -4.965  1.352   1.00 17.62 ? 1  DT  A C2     1 
ATOM   11  O O2     . DT  A 1 1 ? 1.185   -4.967  2.471   1.00 23.45 ? 1  DT  A O2     1 
ATOM   12  N N3     . DT  A 1 1 ? 1.276   -4.375  0.267   1.00 20.47 ? 1  DT  A N3     1 
ATOM   13  C C4     . DT  A 1 1 ? 0.820   -4.357  -1.021  1.00 19.02 ? 1  DT  A C4     1 
ATOM   14  O O4     . DT  A 1 1 ? 1.490   -3.821  -1.910  1.00 27.67 ? 1  DT  A O4     1 
ATOM   15  C C5     . DT  A 1 1 ? -0.429  -5.045  -1.177  1.00 28.05 ? 1  DT  A C5     1 
ATOM   16  C C7     . DT  A 1 1 ? -1.120  -5.130  -2.545  1.00 24.86 ? 1  DT  A C7     1 
ATOM   17  C C6     . DT  A 1 1 ? -1.022  -5.626  -0.124  1.00 14.22 ? 1  DT  A C6     1 
ATOM   18  H H3     . DT  A 1 1 ? 2.140   -3.896  0.432   1.00 0.00  ? 1  DT  A H3     1 
ATOM   19  H "HO5'" . DT  A 1 1 ? -4.933  -5.651  2.724   1.00 0.00  ? 1  DT  A "HO5'" 1 
ATOM   20  P P      . DA  A 1 2 ? -1.888  -6.356  6.541   1.00 23.53 ? 2  DA  A P      1 
ATOM   21  O OP1    . DA  A 1 2 ? -2.375  -7.561  7.211   1.00 27.65 ? 2  DA  A OP1    1 
ATOM   22  O OP2    . DA  A 1 2 ? -2.380  -5.004  6.855   1.00 38.21 ? 2  DA  A OP2    1 
ATOM   23  O "O5'"  . DA  A 1 2 ? -0.311  -6.253  6.561   1.00 23.31 ? 2  DA  A "O5'"  1 
ATOM   24  C "C5'"  . DA  A 1 2 ? 0.495   -7.122  5.787   1.00 31.45 ? 2  DA  A "C5'"  1 
ATOM   25  C "C4'"  . DA  A 1 2 ? 1.969   -7.045  6.025   1.00 10.83 ? 2  DA  A "C4'"  1 
ATOM   26  O "O4'"  . DA  A 1 2 ? 2.470   -8.252  5.413   1.00 36.32 ? 2  DA  A "O4'"  1 
ATOM   27  C "C3'"  . DA  A 1 2 ? 2.673   -5.826  5.443   1.00 39.61 ? 2  DA  A "C3'"  1 
ATOM   28  O "O3'"  . DA  A 1 2 ? 2.920   -4.850  6.478   1.00 19.31 ? 2  DA  A "O3'"  1 
ATOM   29  C "C2'"  . DA  A 1 2 ? 3.951   -6.600  5.150   1.00 23.91 ? 2  DA  A "C2'"  1 
ATOM   30  C "C1'"  . DA  A 1 2 ? 3.583   -7.984  4.583   1.00 29.47 ? 2  DA  A "C1'"  1 
ATOM   31  N N9     . DA  A 1 2 ? 3.048   -7.984  3.218   1.00 19.13 ? 2  DA  A N9     1 
ATOM   32  C C8     . DA  A 1 2 ? 1.861   -8.493  2.754   1.00 21.05 ? 2  DA  A C8     1 
ATOM   33  N N7     . DA  A 1 2 ? 1.657   -8.317  1.496   1.00 20.27 ? 2  DA  A N7     1 
ATOM   34  C C5     . DA  A 1 2 ? 2.818   -7.641  1.108   1.00 14.04 ? 2  DA  A C5     1 
ATOM   35  C C6     . DA  A 1 2 ? 3.263   -7.188  -0.124  1.00 18.64 ? 2  DA  A C6     1 
ATOM   36  N N6     . DA  A 1 2 ? 2.532   -7.319  -1.245  1.00 24.64 ? 2  DA  A N6     1 
ATOM   37  N N1     . DA  A 1 2 ? 4.471   -6.615  -0.121  1.00 15.56 ? 2  DA  A N1     1 
ATOM   38  C C2     . DA  A 1 2 ? 5.170   -6.494  0.994   1.00 9.93  ? 2  DA  A C2     1 
ATOM   39  N N3     . DA  A 1 2 ? 4.863   -6.869  2.181   1.00 23.82 ? 2  DA  A N3     1 
ATOM   40  C C4     . DA  A 1 2 ? 3.657   -7.439  2.157   1.00 11.68 ? 2  DA  A C4     1 
ATOM   41  H H61    . DA  A 1 2 ? 2.883   -6.961  -2.123  1.00 0.00  ? 2  DA  A H61    1 
ATOM   42  H H62    . DA  A 1 2 ? 1.633   -7.775  -1.218  1.00 0.00  ? 2  DA  A H62    1 
ATOM   43  P P      . DA  A 1 3 ? 2.820   -3.303  6.366   1.00 20.46 ? 3  DA  A P      1 
ATOM   44  O OP1    . DA  A 1 3 ? 2.905   -2.744  7.718   1.00 24.95 ? 3  DA  A OP1    1 
ATOM   45  O OP2    . DA  A 1 3 ? 1.694   -2.976  5.506   1.00 19.53 ? 3  DA  A OP2    1 
ATOM   46  O "O5'"  . DA  A 1 3 ? 4.161   -3.045  5.654   1.00 17.18 ? 3  DA  A "O5'"  1 
ATOM   47  C "C5'"  . DA  A 1 3 ? 5.394   -3.242  6.327   1.00 13.90 ? 3  DA  A "C5'"  1 
ATOM   48  C "C4'"  . DA  A 1 3 ? 6.560   -2.961  5.419   1.00 21.24 ? 3  DA  A "C4'"  1 
ATOM   49  O "O4'"  . DA  A 1 3 ? 6.343   -3.625  4.195   1.00 21.96 ? 3  DA  A "O4'"  1 
ATOM   50  C "C3'"  . DA  A 1 3 ? 6.555   -1.634  4.894   1.00 22.35 ? 3  DA  A "C3'"  1 
ATOM   51  O "O3'"  . DA  A 1 3 ? 7.169   -0.726  5.794   1.00 35.11 ? 3  DA  A "O3'"  1 
ATOM   52  C "C2'"  . DA  A 1 3 ? 7.357   -1.753  3.632   1.00 36.04 ? 3  DA  A "C2'"  1 
ATOM   53  C "C1'"  . DA  A 1 3 ? 6.891   -3.007  3.031   1.00 20.51 ? 3  DA  A "C1'"  1 
ATOM   54  N N9     . DA  A 1 3 ? 5.797   -2.885  2.024   1.00 14.73 ? 3  DA  A N9     1 
ATOM   55  C C8     . DA  A 1 3 ? 4.583   -3.496  2.027   1.00 8.55  ? 3  DA  A C8     1 
ATOM   56  N N7     . DA  A 1 3 ? 3.914   -3.351  0.943   1.00 16.60 ? 3  DA  A N7     1 
ATOM   57  C C5     . DA  A 1 3 ? 4.733   -2.577  0.154   1.00 12.55 ? 3  DA  A C5     1 
ATOM   58  C C6     . DA  A 1 3 ? 4.584   -2.075  -1.162  1.00 20.70 ? 3  DA  A C6     1 
ATOM   59  N N6     . DA  A 1 3 ? 3.568   -2.325  -1.995  1.00 14.67 ? 3  DA  A N6     1 
ATOM   60  N N1     . DA  A 1 3 ? 5.593   -1.338  -1.612  1.00 13.89 ? 3  DA  A N1     1 
ATOM   61  C C2     . DA  A 1 3 ? 6.655   -1.144  -0.797  1.00 29.53 ? 3  DA  A C2     1 
ATOM   62  N N3     . DA  A 1 3 ? 6.926   -1.560  0.440   1.00 18.60 ? 3  DA  A N3     1 
ATOM   63  C C4     . DA  A 1 3 ? 5.884   -2.286  0.838   1.00 8.22  ? 3  DA  A C4     1 
ATOM   64  H H61    . DA  A 1 3 ? 3.534   -1.888  -2.905  1.00 0.00  ? 3  DA  A H61    1 
ATOM   65  H H62    . DA  A 1 3 ? 2.837   -2.958  -1.713  1.00 0.00  ? 3  DA  A H62    1 
ATOM   66  P P      . DC  A 1 4 ? 6.523   0.766   6.027   1.00 24.23 ? 4  DC  A P      1 
ATOM   67  O OP1    . DC  A 1 4 ? 7.570   1.486   6.777   1.00 29.54 ? 4  DC  A OP1    1 
ATOM   68  O OP2    . DC  A 1 4 ? 5.157   0.626   6.574   1.00 26.74 ? 4  DC  A OP2    1 
ATOM   69  O "O5'"  . DC  A 1 4 ? 6.362   1.404   4.544   1.00 24.38 ? 4  DC  A "O5'"  1 
ATOM   70  C "C5'"  . DC  A 1 4 ? 7.319   2.003   3.696   1.00 23.31 ? 4  DC  A "C5'"  1 
ATOM   71  C "C4'"  . DC  A 1 4 ? 6.601   2.475   2.465   1.00 19.02 ? 4  DC  A "C4'"  1 
ATOM   72  O "O4'"  . DC  A 1 4 ? 6.042   1.363   1.850   1.00 13.89 ? 4  DC  A "O4'"  1 
ATOM   73  C "C3'"  . DC  A 1 4 ? 5.491   3.448   2.829   1.00 15.94 ? 4  DC  A "C3'"  1 
ATOM   74  O "O3'"  . DC  A 1 4 ? 6.050   4.783   2.756   1.00 33.78 ? 4  DC  A "O3'"  1 
ATOM   75  C "C2'"  . DC  A 1 4 ? 4.548   3.121   1.692   1.00 26.18 ? 4  DC  A "C2'"  1 
ATOM   76  C "C1'"  . DC  A 1 4 ? 4.804   1.644   1.304   1.00 6.99  ? 4  DC  A "C1'"  1 
ATOM   77  N N1     . DC  A 1 4 ? 3.829   0.651   1.848   1.00 15.40 ? 4  DC  A N1     1 
ATOM   78  C C2     . DC  A 1 4 ? 2.867   0.189   0.990   1.00 14.75 ? 4  DC  A C2     1 
ATOM   79  O O2     . DC  A 1 4 ? 2.872   0.498   -0.204  1.00 20.98 ? 4  DC  A O2     1 
ATOM   80  N N3     . DC  A 1 4 ? 1.954   -0.666  1.492   1.00 19.60 ? 4  DC  A N3     1 
ATOM   81  C C4     . DC  A 1 4 ? 1.968   -1.055  2.721   1.00 7.46  ? 4  DC  A C4     1 
ATOM   82  N N4     . DC  A 1 4 ? 1.004   -1.831  3.099   1.00 11.08 ? 4  DC  A N4     1 
ATOM   83  C C5     . DC  A 1 4 ? 2.932   -0.627  3.608   1.00 7.21  ? 4  DC  A C5     1 
ATOM   84  C C6     . DC  A 1 4 ? 3.839   0.223   3.139   1.00 9.76  ? 4  DC  A C6     1 
ATOM   85  H H41    . DC  A 1 4 ? 0.273   -2.085  2.453   1.00 0.00  ? 4  DC  A H41    1 
ATOM   86  H H42    . DC  A 1 4 ? 0.985   -2.191  4.046   1.00 0.00  ? 4  DC  A H42    1 
ATOM   87  P P      . DC  A 1 5 ? 5.898   5.957   3.891   1.00 28.52 ? 5  DC  A P      1 
ATOM   88  O OP1    . DC  A 1 5 ? 7.086   6.822   4.017   1.00 24.29 ? 5  DC  A OP1    1 
ATOM   89  O OP2    . DC  A 1 5 ? 5.383   5.251   5.100   1.00 34.89 ? 5  DC  A OP2    1 
ATOM   90  O "O5'"  . DC  A 1 5 ? 4.764   6.870   3.260   1.00 30.47 ? 5  DC  A "O5'"  1 
ATOM   91  C "C5'"  . DC  A 1 5 ? 4.952   7.386   1.945   1.00 27.30 ? 5  DC  A "C5'"  1 
ATOM   92  C "C4'"  . DC  A 1 5 ? 3.617   7.808   1.315   1.00 20.98 ? 5  DC  A "C4'"  1 
ATOM   93  O "O4'"  . DC  A 1 5 ? 2.765   6.701   1.253   1.00 21.19 ? 5  DC  A "O4'"  1 
ATOM   94  C "C3'"  . DC  A 1 5 ? 2.870   8.795   2.153   1.00 20.71 ? 5  DC  A "C3'"  1 
ATOM   95  O "O3'"  . DC  A 1 5 ? 3.439   10.102  2.064   1.00 23.11 ? 5  DC  A "O3'"  1 
ATOM   96  C "C2'"  . DC  A 1 5 ? 1.632   8.682   1.385   1.00 13.44 ? 5  DC  A "C2'"  1 
ATOM   97  C "C1'"  . DC  A 1 5 ? 1.490   7.218   1.111   1.00 13.82 ? 5  DC  A "C1'"  1 
ATOM   98  N N1     . DC  A 1 5 ? 0.694   6.416   2.052   1.00 22.24 ? 5  DC  A N1     1 
ATOM   99  C C2     . DC  A 1 5 ? -0.457  5.883   1.584   1.00 9.58  ? 5  DC  A C2     1 
ATOM   100 O O2     . DC  A 1 5 ? -0.857  6.105   0.438   1.00 25.04 ? 5  DC  A O2     1 
ATOM   101 N N3     . DC  A 1 5 ? -1.127  5.079   2.416   1.00 23.52 ? 5  DC  A N3     1 
ATOM   102 C C4     . DC  A 1 5 ? -0.719  4.792   3.626   1.00 9.77  ? 5  DC  A C4     1 
ATOM   103 N N4     . DC  A 1 5 ? -1.437  3.964   4.357   1.00 20.94 ? 5  DC  A N4     1 
ATOM   104 C C5     . DC  A 1 5 ? 0.462   5.327   4.149   1.00 15.31 ? 5  DC  A C5     1 
ATOM   105 C C6     . DC  A 1 5 ? 1.129   6.138   3.319   1.00 20.31 ? 5  DC  A C6     1 
ATOM   106 H H41    . DC  A 1 5 ? -1.145  3.719   5.294   1.00 0.00  ? 5  DC  A H41    1 
ATOM   107 H H42    . DC  A 1 5 ? -2.284  3.565   3.978   1.00 0.00  ? 5  DC  A H42    1 
ATOM   108 P P      . DC  A 1 6 ? 3.089   11.351  2.985   1.00 26.27 ? 6  DC  A P      1 
ATOM   109 O OP1    . DC  A 1 6 ? 4.161   12.322  2.886   1.00 29.77 ? 6  DC  A OP1    1 
ATOM   110 O OP2    . DC  A 1 6 ? 2.599   10.883  4.282   1.00 23.78 ? 6  DC  A OP2    1 
ATOM   111 O "O5'"  . DC  A 1 6 ? 1.875   12.027  2.280   1.00 32.49 ? 6  DC  A "O5'"  1 
ATOM   112 C "C5'"  . DC  A 1 6 ? 1.657   12.574  0.971   1.00 30.24 ? 6  DC  A "C5'"  1 
ATOM   113 C "C4'"  . DC  A 1 6 ? 0.120   13.020  0.903   1.00 22.63 ? 6  DC  A "C4'"  1 
ATOM   114 O "O4'"  . DC  A 1 6 ? -0.793  11.953  1.248   1.00 18.93 ? 6  DC  A "O4'"  1 
ATOM   115 C "C3'"  . DC  A 1 6 ? -0.197  14.007  2.004   1.00 28.36 ? 6  DC  A "C3'"  1 
ATOM   116 O "O3'"  . DC  A 1 6 ? 0.095   15.321  1.612   1.00 27.07 ? 6  DC  A "O3'"  1 
ATOM   117 C "C2'"  . DC  A 1 6 ? -1.652  13.874  2.122   1.00 13.00 ? 6  DC  A "C2'"  1 
ATOM   118 C "C1'"  . DC  A 1 6 ? -1.925  12.437  1.894   1.00 9.92  ? 6  DC  A "C1'"  1 
ATOM   119 N N1     . DC  A 1 6 ? -2.204  11.710  3.170   1.00 22.07 ? 6  DC  A N1     1 
ATOM   120 C C2     . DC  A 1 6 ? -3.446  11.095  3.199   1.00 26.49 ? 6  DC  A C2     1 
ATOM   121 O O2     . DC  A 1 6 ? -4.204  11.063  2.217   1.00 26.06 ? 6  DC  A O2     1 
ATOM   122 N N3     . DC  A 1 6 ? -3.805  10.500  4.331   1.00 17.53 ? 6  DC  A N3     1 
ATOM   123 C C4     . DC  A 1 6 ? -3.055  10.471  5.372   1.00 7.84  ? 6  DC  A C4     1 
ATOM   124 N N4     . DC  A 1 6 ? -3.604  9.868   6.375   1.00 17.65 ? 6  DC  A N4     1 
ATOM   125 C C5     . DC  A 1 6 ? -1.790  11.060  5.401   1.00 9.69  ? 6  DC  A C5     1 
ATOM   126 C C6     . DC  A 1 6 ? -1.394  11.672  4.271   1.00 25.15 ? 6  DC  A C6     1 
ATOM   127 H "HO3'" . DC  A 1 6 ? 1.046   15.369  1.476   1.00 0.00  ? 6  DC  A "HO3'" 1 
ATOM   128 H H41    . DC  A 1 6 ? -3.129  9.813   7.268   1.00 0.00  ? 6  DC  A H41    1 
ATOM   129 H H42    . DC  A 1 6 ? -4.510  9.442   6.277   1.00 0.00  ? 6  DC  A H42    1 
ATOM   130 O "O5'"  . DT  B 1 1 ? 8.462   -5.889  -6.386  1.00 28.85 ? 7  DT  B "O5'"  1 
ATOM   131 C "C5'"  . DT  B 1 1 ? 7.260   -6.252  -7.127  1.00 25.35 ? 7  DT  B "C5'"  1 
ATOM   132 C "C4'"  . DT  B 1 1 ? 5.896   -5.440  -6.979  1.00 39.66 ? 7  DT  B "C4'"  1 
ATOM   133 O "O4'"  . DT  B 1 1 ? 5.170   -5.476  -5.676  1.00 37.54 ? 7  DT  B "O4'"  1 
ATOM   134 C "C3'"  . DT  B 1 1 ? 6.176   -3.964  -7.166  1.00 39.01 ? 7  DT  B "C3'"  1 
ATOM   135 O "O3'"  . DT  B 1 1 ? 5.089   -3.365  -7.843  1.00 38.98 ? 7  DT  B "O3'"  1 
ATOM   136 C "C2'"  . DT  B 1 1 ? 6.239   -3.346  -5.817  1.00 20.58 ? 7  DT  B "C2'"  1 
ATOM   137 C "C1'"  . DT  B 1 1 ? 5.352   -4.222  -5.006  1.00 20.74 ? 7  DT  B "C1'"  1 
ATOM   138 N N1     . DT  B 1 1 ? 5.980   -4.509  -3.760  1.00 18.62 ? 7  DT  B N1     1 
ATOM   139 C C2     . DT  B 1 1 ? 5.240   -5.201  -2.845  1.00 20.33 ? 7  DT  B C2     1 
ATOM   140 O O2     . DT  B 1 1 ? 4.114   -5.698  -2.986  1.00 26.72 ? 7  DT  B O2     1 
ATOM   141 N N3     . DT  B 1 1 ? 5.839   -5.344  -1.674  1.00 22.63 ? 7  DT  B N3     1 
ATOM   142 C C4     . DT  B 1 1 ? 7.091   -4.904  -1.274  1.00 33.64 ? 7  DT  B C4     1 
ATOM   143 O O4     . DT  B 1 1 ? 7.501   -5.048  -0.101  1.00 34.71 ? 7  DT  B O4     1 
ATOM   144 C C5     . DT  B 1 1 ? 7.788   -4.227  -2.301  1.00 14.16 ? 7  DT  B C5     1 
ATOM   145 C C7     . DT  B 1 1 ? 9.215   -3.777  -2.029  1.00 39.75 ? 7  DT  B C7     1 
ATOM   146 C C6     . DT  B 1 1 ? 7.236   -4.039  -3.488  1.00 24.49 ? 7  DT  B C6     1 
ATOM   147 H H3     . DT  B 1 1 ? 5.269   -5.848  -1.033  1.00 0.00  ? 7  DT  B H3     1 
ATOM   148 H "HO5'" . DT  B 1 1 ? 8.725   -5.018  -6.697  1.00 0.00  ? 7  DT  B "HO5'" 1 
ATOM   149 P P      . DA  B 1 2 ? 5.637   -2.195  -8.747  1.00 39.22 ? 8  DA  B P      1 
ATOM   150 O OP1    . DA  B 1 2 ? 6.112   -2.910  -9.964  1.00 34.77 ? 8  DA  B OP1    1 
ATOM   151 O OP2    . DA  B 1 2 ? 6.527   -1.367  -7.857  1.00 39.31 ? 8  DA  B OP2    1 
ATOM   152 O "O5'"  . DA  B 1 2 ? 4.455   -1.166  -9.282  1.00 39.80 ? 8  DA  B "O5'"  1 
ATOM   153 C "C5'"  . DA  B 1 2 ? 3.999   0.001   -8.527  1.00 39.02 ? 8  DA  B "C5'"  1 
ATOM   154 C "C4'"  . DA  B 1 2 ? 2.485   0.157   -8.557  1.00 17.13 ? 8  DA  B "C4'"  1 
ATOM   155 O "O4'"  . DA  B 1 2 ? 2.015   -0.337  -9.833  1.00 22.28 ? 8  DA  B "O4'"  1 
ATOM   156 C "C3'"  . DA  B 1 2 ? 1.746   -0.661  -7.453  1.00 35.33 ? 8  DA  B "C3'"  1 
ATOM   157 O "O3'"  . DA  B 1 2 ? 0.699   0.289   -7.116  1.00 39.28 ? 8  DA  B "O3'"  1 
ATOM   158 C "C2'"  . DA  B 1 2 ? 1.301   -1.892  -8.258  1.00 35.21 ? 8  DA  B "C2'"  1 
ATOM   159 C "C1'"  . DA  B 1 2 ? 0.942   -1.301  -9.662  1.00 14.63 ? 8  DA  B "C1'"  1 
ATOM   160 N N9     . DA  B 1 2 ? 1.061   -2.272  -10.747 1.00 20.81 ? 8  DA  B N9     1 
ATOM   161 C C8     . DA  B 1 2 ? 2.200   -2.958  -11.120 1.00 37.43 ? 8  DA  B C8     1 
ATOM   162 N N7     . DA  B 1 2 ? 2.065   -3.755  -12.130 1.00 23.05 ? 8  DA  B N7     1 
ATOM   163 C C5     . DA  B 1 2 ? 0.747   -3.603  -12.470 1.00 19.42 ? 8  DA  B C5     1 
ATOM   164 C C6     . DA  B 1 2 ? 0.004   -4.219  -13.468 1.00 14.47 ? 8  DA  B C6     1 
ATOM   165 N N6     . DA  B 1 2 ? 0.510   -5.017  -14.446 1.00 20.96 ? 8  DA  B N6     1 
ATOM   166 N N1     . DA  B 1 2 ? -1.265  -3.868  -13.476 1.00 33.53 ? 8  DA  B N1     1 
ATOM   167 C C2     . DA  B 1 2 ? -1.756  -2.979  -12.593 1.00 27.49 ? 8  DA  B C2     1 
ATOM   168 N N3     . DA  B 1 2 ? -1.149  -2.318  -11.629 1.00 27.07 ? 8  DA  B N3     1 
ATOM   169 C C4     . DA  B 1 2 ? 0.129   -2.700  -11.630 1.00 10.79 ? 8  DA  B C4     1 
ATOM   170 H H61    . DA  B 1 2 ? 1.501   -5.199  -14.490 1.00 0.00  ? 8  DA  B H61    1 
ATOM   171 H H62    . DA  B 1 2 ? -0.122  -5.419  -15.125 1.00 0.00  ? 8  DA  B H62    1 
ATOM   172 P P      . DA  B 1 3 ? -0.150  0.288   -5.747  1.00 35.42 ? 9  DA  B P      1 
ATOM   173 O OP1    . DA  B 1 3 ? -1.101  1.458   -5.782  1.00 39.82 ? 9  DA  B OP1    1 
ATOM   174 O OP2    . DA  B 1 3 ? 0.852   0.121   -4.612  1.00 28.79 ? 9  DA  B OP2    1 
ATOM   175 O "O5'"  . DA  B 1 3 ? -1.068  -0.981  -6.012  1.00 39.94 ? 9  DA  B "O5'"  1 
ATOM   176 C "C5'"  . DA  B 1 3 ? -2.351  -0.833  -6.628  1.00 27.77 ? 9  DA  B "C5'"  1 
ATOM   177 C "C4'"  . DA  B 1 3 ? -2.946  -2.175  -6.787  1.00 16.24 ? 9  DA  B "C4'"  1 
ATOM   178 O "O4'"  . DA  B 1 3 ? -2.136  -2.960  -7.659  1.00 24.83 ? 9  DA  B "O4'"  1 
ATOM   179 C "C3'"  . DA  B 1 3 ? -2.925  -2.858  -5.477  1.00 22.96 ? 9  DA  B "C3'"  1 
ATOM   180 O "O3'"  . DA  B 1 3 ? -4.177  -3.516  -5.230  1.00 29.07 ? 9  DA  B "O3'"  1 
ATOM   181 C "C2'"  . DA  B 1 3 ? -1.820  -3.852  -5.710  1.00 26.00 ? 9  DA  B "C2'"  1 
ATOM   182 C "C1'"  . DA  B 1 3 ? -2.037  -4.235  -7.106  1.00 18.88 ? 9  DA  B "C1'"  1 
ATOM   183 N N9     . DA  B 1 3 ? -0.929  -4.941  -7.725  1.00 17.60 ? 9  DA  B N9     1 
ATOM   184 C C8     . DA  B 1 3 ? 0.329   -5.254  -7.274  1.00 23.85 ? 9  DA  B C8     1 
ATOM   185 N N7     . DA  B 1 3 ? 1.015   -5.948  -8.140  1.00 25.36 ? 9  DA  B N7     1 
ATOM   186 C C5     . DA  B 1 3 ? 0.157   -6.106  -9.229  1.00 14.91 ? 9  DA  B C5     1 
ATOM   187 C C6     . DA  B 1 3 ? 0.272   -6.764  -10.474 1.00 24.27 ? 9  DA  B C6     1 
ATOM   188 N N6     . DA  B 1 3 ? 1.318   -7.512  -10.872 1.00 30.71 ? 9  DA  B N6     1 
ATOM   189 N N1     . DA  B 1 3 ? -0.825  -6.694  -11.287 1.00 34.89 ? 9  DA  B N1     1 
ATOM   190 C C2     . DA  B 1 3 ? -1.931  -6.045  -10.895 1.00 15.13 ? 9  DA  B C2     1 
ATOM   191 N N3     . DA  B 1 3 ? -2.129  -5.409  -9.749  1.00 18.79 ? 9  DA  B N3     1 
ATOM   192 C C4     . DA  B 1 3 ? -1.033  -5.485  -8.964  1.00 21.13 ? 9  DA  B C4     1 
ATOM   193 H H61    . DA  B 1 3 ? 2.167   -7.552  -10.329 1.00 0.00  ? 9  DA  B H61    1 
ATOM   194 H H62    . DA  B 1 3 ? 1.221   -8.049  -11.714 1.00 0.00  ? 9  DA  B H62    1 
ATOM   195 P P      . DC  B 1 4 ? -5.428  -2.788  -4.458  1.00 28.67 ? 10 DC  B P      1 
ATOM   196 O OP1    . DC  B 1 4 ? -6.691  -3.447  -4.946  1.00 34.27 ? 10 DC  B OP1    1 
ATOM   197 O OP2    . DC  B 1 4 ? -5.224  -1.345  -4.657  1.00 38.84 ? 10 DC  B OP2    1 
ATOM   198 O "O5'"  . DC  B 1 4 ? -5.374  -2.971  -2.869  1.00 18.77 ? 10 DC  B "O5'"  1 
ATOM   199 C "C5'"  . DC  B 1 4 ? -5.694  -4.122  -2.134  1.00 30.20 ? 10 DC  B "C5'"  1 
ATOM   200 C "C4'"  . DC  B 1 4 ? -5.233  -3.969  -0.719  1.00 9.80  ? 10 DC  B "C4'"  1 
ATOM   201 O "O4'"  . DC  B 1 4 ? -3.836  -3.787  -0.547  1.00 18.83 ? 10 DC  B "O4'"  1 
ATOM   202 C "C3'"  . DC  B 1 4 ? -5.842  -2.777  -0.195  1.00 14.61 ? 10 DC  B "C3'"  1 
ATOM   203 O "O3'"  . DC  B 1 4 ? -6.350  -3.260  1.052   1.00 36.36 ? 10 DC  B "O3'"  1 
ATOM   204 C "C2'"  . DC  B 1 4 ? -4.669  -1.828  -0.115  1.00 19.97 ? 10 DC  B "C2'"  1 
ATOM   205 C "C1'"  . DC  B 1 4 ? -3.428  -2.652  0.182   1.00 15.38 ? 10 DC  B "C1'"  1 
ATOM   206 N N1     . DC  B 1 4 ? -2.232  -2.014  -0.415  1.00 11.72 ? 10 DC  B N1     1 
ATOM   207 C C2     . DC  B 1 4 ? -1.128  -1.715  0.311   1.00 11.51 ? 10 DC  B C2     1 
ATOM   208 O O2     . DC  B 1 4 ? -0.988  -2.092  1.449   1.00 25.69 ? 10 DC  B O2     1 
ATOM   209 N N3     . DC  B 1 4 ? -0.114  -1.082  -0.231  1.00 14.49 ? 10 DC  B N3     1 
ATOM   210 C C4     . DC  B 1 4 ? -0.158  -0.750  -1.486  1.00 12.31 ? 10 DC  B C4     1 
ATOM   211 N N4     . DC  B 1 4 ? 0.877   -0.158  -2.083  1.00 25.78 ? 10 DC  B N4     1 
ATOM   212 C C5     . DC  B 1 4 ? -1.255  -1.044  -2.260  1.00 14.33 ? 10 DC  B C5     1 
ATOM   213 C C6     . DC  B 1 4 ? -2.262  -1.676  -1.674  1.00 13.01 ? 10 DC  B C6     1 
ATOM   214 H H41    . DC  B 1 4 ? 1.686   0.100   -1.532  1.00 0.00  ? 10 DC  B H41    1 
ATOM   215 H H42    . DC  B 1 4 ? 0.863   0.031   -3.075  1.00 0.00  ? 10 DC  B H42    1 
ATOM   216 P P      . DC  B 1 5 ? -7.760  -2.918  1.779   1.00 34.54 ? 11 DC  B P      1 
ATOM   217 O OP1    . DC  B 1 5 ? -7.740  -3.756  3.027   1.00 29.17 ? 11 DC  B OP1    1 
ATOM   218 O OP2    . DC  B 1 5 ? -8.871  -2.922  0.757   1.00 26.05 ? 11 DC  B OP2    1 
ATOM   219 O "O5'"  . DC  B 1 5 ? -7.432  -1.402  2.092   1.00 29.65 ? 11 DC  B "O5'"  1 
ATOM   220 C "C5'"  . DC  B 1 5 ? -8.405  -0.444  2.535   1.00 31.52 ? 11 DC  B "C5'"  1 
ATOM   221 C "C4'"  . DC  B 1 5 ? -7.652  0.545   3.334   1.00 13.84 ? 11 DC  B "C4'"  1 
ATOM   222 O "O4'"  . DC  B 1 5 ? -6.569  1.024   2.574   1.00 25.81 ? 11 DC  B "O4'"  1 
ATOM   223 C "C3'"  . DC  B 1 5 ? -8.516  1.670   3.716   1.00 15.90 ? 11 DC  B "C3'"  1 
ATOM   224 O "O3'"  . DC  B 1 5 ? -8.898  1.305   5.059   1.00 35.61 ? 11 DC  B "O3'"  1 
ATOM   225 C "C2'"  . DC  B 1 5 ? -7.545  2.846   3.574   1.00 19.50 ? 11 DC  B "C2'"  1 
ATOM   226 C "C1'"  . DC  B 1 5 ? -6.213  2.252   3.158   1.00 14.84 ? 11 DC  B "C1'"  1 
ATOM   227 N N1     . DC  B 1 5 ? -5.463  2.997   2.137   1.00 8.89  ? 11 DC  B N1     1 
ATOM   228 C C2     . DC  B 1 5 ? -4.295  3.447   2.500   1.00 10.51 ? 11 DC  B C2     1 
ATOM   229 O O2     . DC  B 1 5 ? -3.942  3.318   3.633   1.00 16.37 ? 11 DC  B O2     1 
ATOM   230 N N3     . DC  B 1 5 ? -3.515  4.051   1.658   1.00 14.37 ? 11 DC  B N3     1 
ATOM   231 C C4     . DC  B 1 5 ? -3.882  4.222   0.420   1.00 8.47  ? 11 DC  B C4     1 
ATOM   232 N N4     . DC  B 1 5 ? -3.024  4.767   -0.402  1.00 24.16 ? 11 DC  B N4     1 
ATOM   233 C C5     . DC  B 1 5 ? -5.136  3.776   -0.039  1.00 19.21 ? 11 DC  B C5     1 
ATOM   234 C C6     . DC  B 1 5 ? -5.893  3.157   0.892   1.00 19.62 ? 11 DC  B C6     1 
ATOM   235 H H41    . DC  B 1 5 ? -3.234  4.853   -1.391  1.00 0.00  ? 11 DC  B H41    1 
ATOM   236 H H42    . DC  B 1 5 ? -2.141  5.108   -0.048  1.00 0.00  ? 11 DC  B H42    1 
ATOM   237 P P      . DC  B 1 6 ? -10.056 2.018   6.028   1.00 35.23 ? 12 DC  B P      1 
ATOM   238 O OP1    . DC  B 1 6 ? -9.767  1.631   7.447   1.00 39.08 ? 12 DC  B OP1    1 
ATOM   239 O OP2    . DC  B 1 6 ? -11.408 1.761   5.400   1.00 36.25 ? 12 DC  B OP2    1 
ATOM   240 O "O5'"  . DC  B 1 6 ? -9.722  3.620   5.987   1.00 30.38 ? 12 DC  B "O5'"  1 
ATOM   241 C "C5'"  . DC  B 1 6 ? -10.375 4.616   6.794   1.00 30.68 ? 12 DC  B "C5'"  1 
ATOM   242 C "C4'"  . DC  B 1 6 ? -9.410  5.659   7.279   1.00 28.20 ? 12 DC  B "C4'"  1 
ATOM   243 O "O4'"  . DC  B 1 6 ? -8.873  6.260   6.162   1.00 29.99 ? 12 DC  B "O4'"  1 
ATOM   244 C "C3'"  . DC  B 1 6 ? -10.017 6.811   8.000   1.00 23.57 ? 12 DC  B "C3'"  1 
ATOM   245 O "O3'"  . DC  B 1 6 ? -9.876  6.597   9.416   1.00 39.77 ? 12 DC  B "O3'"  1 
ATOM   246 C "C2'"  . DC  B 1 6 ? -9.188  7.950   7.551   1.00 21.13 ? 12 DC  B "C2'"  1 
ATOM   247 C "C1'"  . DC  B 1 6 ? -8.189  7.393   6.645   1.00 17.03 ? 12 DC  B "C1'"  1 
ATOM   248 N N1     . DC  B 1 6 ? -7.857  8.171   5.453   1.00 9.75  ? 12 DC  B N1     1 
ATOM   249 C C2     . DC  B 1 6 ? -6.694  8.825   5.476   1.00 20.35 ? 12 DC  B C2     1 
ATOM   250 O O2     . DC  B 1 6 ? -5.891  8.762   6.422   1.00 21.58 ? 12 DC  B O2     1 
ATOM   251 N N3     . DC  B 1 6 ? -6.381  9.480   4.367   1.00 14.37 ? 12 DC  B N3     1 
ATOM   252 C C4     . DC  B 1 6 ? -7.121  9.503   3.284   1.00 11.85 ? 12 DC  B C4     1 
ATOM   253 N N4     . DC  B 1 6 ? -6.680  10.181  2.222   1.00 17.73 ? 12 DC  B N4     1 
ATOM   254 C C5     . DC  B 1 6 ? -8.327  8.817   3.259   1.00 12.20 ? 12 DC  B C5     1 
ATOM   255 C C6     . DC  B 1 6 ? -8.652  8.169   4.377   1.00 15.76 ? 12 DC  B C6     1 
ATOM   256 H "HO3'" . DC  B 1 6 ? -10.367 5.798   9.631   1.00 0.00  ? 12 DC  B "HO3'" 1 
ATOM   257 H H41    . DC  B 1 6 ? -7.260  10.237  1.394   1.00 0.00  ? 12 DC  B H41    1 
ATOM   258 H H42    . DC  B 1 6 ? -5.775  10.623  2.236   1.00 0.00  ? 12 DC  B H42    1 
HETATM 259 O O      . HOH C 2 . ? -3.006  -6.900  12.324  1.00 42.22 ? 13 HOH A O      1 
HETATM 260 O O      . HOH C 2 . ? 6.608   9.721   5.215   1.00 44.58 ? 14 HOH A O      1 
HETATM 261 O O      . HOH C 2 . ? -3.799  -7.988  -0.511  1.00 36.66 ? 15 HOH A O      1 
HETATM 262 O O      . HOH C 2 . ? 3.618   7.380   6.967   1.00 34.10 ? 16 HOH A O      1 
HETATM 263 O O      . HOH C 2 . ? -2.076  -10.681 6.205   1.00 38.32 ? 20 HOH A O      1 
HETATM 264 O O      . HOH C 2 . ? -2.808  -8.403  -3.176  1.00 31.79 ? 21 HOH A O      1 
HETATM 265 O O      . HOH C 2 . ? 8.807   4.763   0.888   1.00 39.71 ? 22 HOH A O      1 
HETATM 266 O O      . HOH C 2 . ? -3.100  -4.900  9.786   1.00 29.37 ? 24 HOH A O      1 
HETATM 267 O O      . HOH C 2 . ? -0.961  3.211   7.541   1.00 35.57 ? 30 HOH A O      1 
HETATM 268 O O      . HOH C 2 . ? -1.500  10.227  8.582   1.00 30.44 ? 31 HOH A O      1 
HETATM 269 O O      . HOH C 2 . ? -1.231  -2.623  6.634   1.00 22.48 ? 32 HOH A O      1 
HETATM 270 O O      . HOH C 2 . ? 5.106   13.828  5.576   1.00 43.21 ? 33 HOH A O      1 
HETATM 271 O O      . HOH C 2 . ? 1.371   -4.131  9.777   1.00 27.71 ? 34 HOH A O      1 
HETATM 272 O O      . HOH D 2 . ? -4.218  -0.342  -9.255  1.00 37.35 ? 17 HOH B O      1 
HETATM 273 O O      . HOH D 2 . ? 8.530   -6.282  3.042   1.00 48.06 ? 18 HOH B O      1 
HETATM 274 O O      . HOH D 2 . ? 1.997   -2.399  -4.773  1.00 25.93 ? 19 HOH B O      1 
HETATM 275 O O      . HOH D 2 . ? -10.480 9.629   10.780  1.00 27.63 ? 23 HOH B O      1 
HETATM 276 O O      . HOH D 2 . ? -0.058  3.813   -5.741  1.00 40.90 ? 25 HOH B O      1 
HETATM 277 O O      . HOH D 2 . ? 3.492   -7.705  -8.663  1.00 23.80 ? 26 HOH B O      1 
HETATM 278 O O      . HOH D 2 . ? 1.858   -8.003  -13.481 1.00 41.31 ? 27 HOH B O      1 
HETATM 279 O O      . HOH D 2 . ? 3.693   -8.231  -5.975  1.00 29.78 ? 28 HOH B O      1 
HETATM 280 O O      . HOH D 2 . ? -8.578  10.276  -0.386  1.00 21.68 ? 29 HOH B O      1 
HETATM 281 O O      . HOH D 2 . ? -4.869  -3.791  -9.493  1.00 31.79 ? 35 HOH B O      1 
HETATM 282 O O      . HOH D 2 . ? 0.882   2.205   -10.376 1.00 28.62 ? 36 HOH B O      1 
HETATM 283 O O      . HOH D 2 . ? -12.096 10.976  8.096   1.00 36.59 ? 37 HOH B O      1 
HETATM 284 O O      . HOH D 2 . ? -3.486  5.248   -3.648  1.00 32.48 ? 38 HOH B O      1 
# 
